data_6XY6
#
_entry.id   6XY6
#
_cell.length_a   100.279
_cell.length_b   78.560
_cell.length_c   107.766
_cell.angle_alpha   90.000
_cell.angle_beta   110.968
_cell.angle_gamma   90.000
#
_symmetry.space_group_name_H-M   'P 1 21 1'
#
loop_
_entity.id
_entity.type
_entity.pdbx_description
1 polymer 'anti-apoptotic membrane protein'
2 polymer 'Apoptosis regulator BAX'
3 polymer 'anti-apoptotic membrane protein'
4 water water
#
loop_
_entity_poly.entity_id
_entity_poly.type
_entity_poly.pdbx_seq_one_letter_code
_entity_poly.pdbx_strand_id
1 'polypeptide(L)'
;GPLGSMDNCNYNIEKVLNVYLRDLRIESLNNNELEILIMIRECCEVIKKDYKTEFNEICNFILQNNVKSCYDINDVKNII
IETINSDFRPSVILASISLLSIIIKKKKDENNEVVDDDLALNELINKFSSYQKDIISFVEKNKKKNKQND
;
A,G
2 'polypeptide(L)' VPQDASTKKLSECLKRIGDELDSNMELQ B,D,F,H,J,L,N,P
3 'polypeptide(L)'
;MDNCNYNIEKVLNVYLRDLRIESLNNNELEILIMIRECCEVIKKDYKTEFNEICNFILQNNVKSCYDINDVKNIIIETIN
SDFRPSVILASISLLSIIIKKKKDENNEVVDDDLALNELINKFSSYQKDIISFVEKNKKKNKQND
;
C,E,I,K,M,O
#
# COMPACT_ATOMS: atom_id res chain seq x y z
N ASN A 10 -29.98 -27.36 -15.98
CA ASN A 10 -30.15 -27.82 -14.60
C ASN A 10 -29.35 -26.97 -13.62
N TYR A 11 -28.20 -26.45 -14.06
CA TYR A 11 -27.39 -25.59 -13.21
C TYR A 11 -26.48 -24.73 -14.07
N ASN A 12 -26.03 -23.61 -13.49
CA ASN A 12 -25.17 -22.64 -14.17
C ASN A 12 -24.00 -22.31 -13.27
N ILE A 13 -22.79 -22.68 -13.69
CA ILE A 13 -21.60 -22.47 -12.87
C ILE A 13 -21.24 -20.99 -12.78
N GLU A 14 -21.52 -20.23 -13.85
CA GLU A 14 -21.00 -18.86 -13.93
C GLU A 14 -21.55 -17.99 -12.80
N LYS A 15 -22.83 -18.15 -12.48
CA LYS A 15 -23.39 -17.42 -11.34
C LYS A 15 -22.73 -17.89 -10.04
N VAL A 16 -22.51 -19.20 -9.93
CA VAL A 16 -21.89 -19.74 -8.71
C VAL A 16 -20.53 -19.11 -8.50
N LEU A 17 -19.76 -18.94 -9.56
CA LEU A 17 -18.48 -18.27 -9.43
C LEU A 17 -18.67 -16.78 -9.15
N ASN A 18 -19.71 -16.17 -9.73
CA ASN A 18 -19.99 -14.77 -9.46
C ASN A 18 -20.43 -14.57 -8.01
N VAL A 19 -21.11 -15.55 -7.43
CA VAL A 19 -21.43 -15.48 -6.00
C VAL A 19 -20.14 -15.58 -5.18
N TYR A 20 -19.29 -16.56 -5.51
CA TYR A 20 -18.09 -16.81 -4.73
C TYR A 20 -17.09 -15.67 -4.85
N LEU A 21 -16.96 -15.08 -6.04
CA LEU A 21 -15.93 -14.10 -6.34
C LEU A 21 -16.44 -12.66 -6.38
N ARG A 22 -17.63 -12.43 -6.90
CA ARG A 22 -18.16 -11.09 -7.09
C ARG A 22 -19.20 -10.70 -6.05
N ASP A 23 -19.31 -11.46 -4.95
CA ASP A 23 -20.21 -11.13 -3.85
C ASP A 23 -21.63 -10.93 -4.36
N LEU A 24 -22.01 -11.74 -5.36
CA LEU A 24 -23.40 -11.74 -5.81
C LEU A 24 -24.27 -12.44 -4.78
N ARG A 25 -25.49 -11.92 -4.59
CA ARG A 25 -26.41 -12.48 -3.61
C ARG A 25 -26.61 -13.97 -3.83
N ILE A 26 -26.43 -14.75 -2.77
CA ILE A 26 -26.54 -16.21 -2.86
C ILE A 26 -27.94 -16.66 -3.26
N GLU A 27 -28.95 -15.81 -3.08
CA GLU A 27 -30.32 -16.20 -3.37
C GLU A 27 -30.59 -16.38 -4.86
N SER A 28 -29.65 -16.00 -5.72
CA SER A 28 -29.80 -16.19 -7.15
C SER A 28 -29.54 -17.63 -7.59
N LEU A 29 -29.16 -18.50 -6.66
CA LEU A 29 -28.79 -19.87 -6.98
C LEU A 29 -29.96 -20.81 -6.71
N ASN A 30 -30.10 -21.82 -7.57
CA ASN A 30 -31.03 -22.91 -7.33
C ASN A 30 -30.37 -23.94 -6.43
N ASN A 31 -31.07 -25.06 -6.20
CA ASN A 31 -30.56 -26.07 -5.27
C ASN A 31 -29.22 -26.62 -5.74
N ASN A 32 -29.14 -27.04 -7.01
CA ASN A 32 -27.88 -27.56 -7.54
C ASN A 32 -26.77 -26.52 -7.43
N GLU A 33 -27.02 -25.30 -7.91
CA GLU A 33 -25.99 -24.27 -7.89
C GLU A 33 -25.56 -23.95 -6.48
N LEU A 34 -26.44 -24.11 -5.50
CA LEU A 34 -26.06 -23.91 -4.11
C LEU A 34 -25.16 -25.03 -3.64
N GLU A 35 -25.54 -26.28 -3.94
CA GLU A 35 -24.68 -27.41 -3.60
C GLU A 35 -23.31 -27.26 -4.26
N ILE A 36 -23.28 -26.86 -5.52
CA ILE A 36 -22.02 -26.65 -6.21
C ILE A 36 -21.20 -25.59 -5.50
N LEU A 37 -21.85 -24.51 -5.06
CA LEU A 37 -21.16 -23.46 -4.34
C LEU A 37 -20.49 -24.01 -3.08
N ILE A 38 -21.24 -24.79 -2.29
CA ILE A 38 -20.69 -25.36 -1.06
C ILE A 38 -19.43 -26.15 -1.36
N MET A 39 -19.47 -26.98 -2.40
CA MET A 39 -18.31 -27.79 -2.74
C MET A 39 -17.13 -26.93 -3.15
N ILE A 40 -17.38 -25.89 -3.96
CA ILE A 40 -16.30 -24.98 -4.36
C ILE A 40 -15.73 -24.27 -3.15
N ARG A 41 -16.61 -23.77 -2.27
CA ARG A 41 -16.14 -23.06 -1.07
C ARG A 41 -15.25 -23.96 -0.22
N GLU A 42 -15.68 -25.19 0.02
CA GLU A 42 -14.92 -26.09 0.87
C GLU A 42 -13.60 -26.48 0.21
N CYS A 43 -13.63 -26.82 -1.07
CA CYS A 43 -12.40 -27.20 -1.76
C CYS A 43 -11.40 -26.05 -1.79
N CYS A 44 -11.85 -24.85 -2.13
CA CYS A 44 -10.93 -23.71 -2.26
C CYS A 44 -10.36 -23.29 -0.91
N GLU A 45 -11.11 -23.49 0.18
CA GLU A 45 -10.59 -23.10 1.49
C GLU A 45 -9.40 -23.98 1.87
N VAL A 46 -9.45 -25.27 1.52
CA VAL A 46 -8.32 -26.15 1.77
C VAL A 46 -7.12 -25.73 0.92
N ILE A 47 -7.37 -25.43 -0.35
CA ILE A 47 -6.29 -24.96 -1.22
C ILE A 47 -5.70 -23.69 -0.65
N LYS A 48 -6.55 -22.79 -0.14
CA LYS A 48 -6.06 -21.54 0.44
C LYS A 48 -5.25 -21.80 1.71
N LYS A 49 -5.61 -22.85 2.46
CA LYS A 49 -4.94 -23.13 3.73
C LYS A 49 -3.64 -23.89 3.49
N ASP A 50 -3.73 -24.98 2.72
CA ASP A 50 -2.56 -25.82 2.46
C ASP A 50 -1.46 -25.03 1.77
N TYR A 51 -1.82 -24.17 0.81
CA TYR A 51 -0.86 -23.42 0.01
C TYR A 51 -0.89 -21.92 0.32
N LYS A 52 -1.22 -21.57 1.56
CA LYS A 52 -1.28 -20.17 1.96
C LYS A 52 0.04 -19.48 1.67
N THR A 53 1.15 -20.16 1.97
CA THR A 53 2.48 -19.59 1.79
C THR A 53 2.80 -19.32 0.31
N GLU A 54 2.47 -20.26 -0.57
CA GLU A 54 2.85 -20.11 -1.97
C GLU A 54 2.01 -19.04 -2.67
N PHE A 55 0.71 -18.97 -2.35
CA PHE A 55 -0.13 -17.92 -2.91
C PHE A 55 0.38 -16.54 -2.51
N ASN A 56 0.74 -16.37 -1.24
CA ASN A 56 1.25 -15.08 -0.78
C ASN A 56 2.49 -14.67 -1.57
N GLU A 57 3.39 -15.62 -1.82
CA GLU A 57 4.55 -15.32 -2.65
C GLU A 57 4.12 -14.80 -4.01
N ILE A 58 3.08 -15.41 -4.59
CA ILE A 58 2.53 -14.90 -5.84
C ILE A 58 1.92 -13.53 -5.63
N CYS A 59 1.03 -13.41 -4.64
CA CYS A 59 0.38 -12.13 -4.39
C CYS A 59 1.38 -11.05 -4.02
N ASN A 60 2.35 -11.39 -3.17
CA ASN A 60 3.35 -10.40 -2.79
C ASN A 60 4.20 -9.99 -3.98
N PHE A 61 4.37 -10.87 -4.97
CA PHE A 61 5.16 -10.52 -6.14
C PHE A 61 4.43 -9.49 -7.01
N ILE A 62 3.14 -9.74 -7.30
CA ILE A 62 2.40 -8.84 -8.16
C ILE A 62 2.26 -7.47 -7.51
N LEU A 63 2.19 -7.45 -6.17
CA LEU A 63 2.05 -6.18 -5.46
C LEU A 63 3.21 -5.24 -5.77
N GLN A 64 4.45 -5.73 -5.67
CA GLN A 64 5.60 -4.86 -5.93
C GLN A 64 5.74 -4.48 -7.39
N ASN A 65 5.06 -5.19 -8.31
CA ASN A 65 5.16 -4.89 -9.74
C ASN A 65 3.97 -4.08 -10.25
N ASN A 66 3.07 -3.65 -9.38
CA ASN A 66 1.95 -2.79 -9.77
C ASN A 66 2.34 -1.34 -9.55
N VAL A 67 2.10 -0.50 -10.56
CA VAL A 67 2.60 0.88 -10.51
C VAL A 67 2.05 1.61 -9.29
N LYS A 68 0.84 1.26 -8.86
CA LYS A 68 0.16 1.94 -7.76
C LYS A 68 0.30 1.20 -6.43
N SER A 69 1.11 0.14 -6.36
CA SER A 69 1.26 -0.63 -5.13
C SER A 69 -0.09 -1.13 -4.62
N CYS A 70 -0.87 -1.72 -5.53
CA CYS A 70 -2.18 -2.25 -5.20
C CYS A 70 -2.34 -3.61 -5.87
N TYR A 71 -3.19 -4.44 -5.28
CA TYR A 71 -3.58 -5.68 -5.92
C TYR A 71 -4.61 -5.36 -7.01
N ASP A 72 -4.30 -5.73 -8.25
CA ASP A 72 -5.14 -5.42 -9.40
C ASP A 72 -5.28 -6.69 -10.22
N ILE A 73 -6.52 -7.12 -10.44
CA ILE A 73 -6.75 -8.35 -11.19
C ILE A 73 -6.32 -8.20 -12.65
N ASN A 74 -6.24 -6.98 -13.17
CA ASN A 74 -5.75 -6.80 -14.53
C ASN A 74 -4.33 -7.32 -14.69
N ASP A 75 -3.51 -7.21 -13.64
CA ASP A 75 -2.13 -7.70 -13.71
C ASP A 75 -2.11 -9.21 -13.89
N VAL A 76 -2.83 -9.93 -13.04
CA VAL A 76 -2.87 -11.39 -13.06
C VAL A 76 -3.82 -11.95 -14.12
N LYS A 77 -4.59 -11.09 -14.79
CA LYS A 77 -5.57 -11.57 -15.76
C LYS A 77 -4.93 -12.37 -16.88
N ASN A 78 -3.99 -11.75 -17.61
CA ASN A 78 -3.37 -12.43 -18.74
C ASN A 78 -2.61 -13.68 -18.31
N ILE A 79 -2.07 -13.70 -17.09
CA ILE A 79 -1.28 -14.84 -16.65
C ILE A 79 -2.16 -16.07 -16.49
N ILE A 80 -3.33 -15.92 -15.87
CA ILE A 80 -4.18 -17.07 -15.58
C ILE A 80 -4.69 -17.68 -16.88
N ILE A 81 -5.26 -16.85 -17.78
CA ILE A 81 -5.81 -17.39 -19.02
C ILE A 81 -4.74 -18.13 -19.81
N GLU A 82 -3.52 -17.58 -19.87
CA GLU A 82 -2.43 -18.28 -20.55
C GLU A 82 -2.10 -19.59 -19.85
N THR A 83 -2.06 -19.58 -18.53
CA THR A 83 -1.78 -20.79 -17.77
C THR A 83 -2.78 -21.89 -18.07
N ILE A 84 -4.07 -21.55 -18.21
CA ILE A 84 -5.10 -22.56 -18.37
C ILE A 84 -4.97 -23.26 -19.72
N ASN A 85 -4.77 -22.50 -20.79
CA ASN A 85 -4.67 -23.10 -22.12
C ASN A 85 -3.46 -24.03 -22.19
N SER A 86 -2.32 -23.58 -21.70
CA SER A 86 -1.12 -24.40 -21.68
C SER A 86 -1.26 -25.59 -20.73
N ASP A 87 -2.09 -25.45 -19.70
CA ASP A 87 -2.28 -26.49 -18.68
C ASP A 87 -3.75 -26.50 -18.32
N PHE A 88 -4.44 -27.58 -18.68
CA PHE A 88 -5.89 -27.70 -18.57
C PHE A 88 -6.33 -28.74 -17.54
N ARG A 89 -5.64 -28.84 -16.42
CA ARG A 89 -6.07 -29.83 -15.44
C ARG A 89 -7.14 -29.25 -14.52
N PRO A 90 -8.06 -30.05 -14.01
CA PRO A 90 -9.05 -29.47 -13.08
C PRO A 90 -8.39 -28.78 -11.89
N SER A 91 -7.24 -29.29 -11.44
CA SER A 91 -6.53 -28.69 -10.31
C SER A 91 -6.02 -27.30 -10.62
N VAL A 92 -5.47 -27.09 -11.82
CA VAL A 92 -4.92 -25.77 -12.14
C VAL A 92 -6.04 -24.72 -12.14
N ILE A 93 -7.26 -25.12 -12.48
CA ILE A 93 -8.39 -24.20 -12.46
C ILE A 93 -8.71 -23.76 -11.03
N LEU A 94 -8.83 -24.72 -10.11
CA LEU A 94 -9.17 -24.40 -8.73
C LEU A 94 -8.08 -23.57 -8.07
N ALA A 95 -6.81 -23.80 -8.43
CA ALA A 95 -5.74 -22.94 -7.92
C ALA A 95 -5.92 -21.50 -8.38
N SER A 96 -6.39 -21.32 -9.62
CA SER A 96 -6.66 -19.97 -10.12
C SER A 96 -7.80 -19.31 -9.34
N ILE A 97 -8.90 -20.03 -9.18
CA ILE A 97 -10.03 -19.50 -8.41
C ILE A 97 -9.59 -19.16 -7.00
N SER A 98 -8.77 -20.03 -6.38
CA SER A 98 -8.31 -19.78 -5.02
C SER A 98 -7.37 -18.59 -4.98
N LEU A 99 -6.41 -18.52 -5.91
CA LEU A 99 -5.57 -17.33 -6.00
C LEU A 99 -6.40 -16.08 -6.19
N LEU A 100 -7.34 -16.14 -7.15
CA LEU A 100 -8.18 -14.97 -7.41
C LEU A 100 -8.98 -14.58 -6.18
N SER A 101 -9.52 -15.57 -5.46
CA SER A 101 -10.27 -15.29 -4.24
C SER A 101 -9.39 -14.62 -3.20
N ILE A 102 -8.13 -15.01 -3.11
CA ILE A 102 -7.23 -14.38 -2.14
C ILE A 102 -6.98 -12.93 -2.55
N ILE A 103 -6.72 -12.70 -3.83
CA ILE A 103 -6.48 -11.35 -4.33
C ILE A 103 -7.66 -10.45 -4.00
N ILE A 104 -8.88 -10.96 -4.12
CA ILE A 104 -10.06 -10.14 -3.91
C ILE A 104 -10.11 -9.61 -2.48
N LYS A 105 -9.86 -10.48 -1.50
CA LYS A 105 -9.87 -10.02 -0.11
C LYS A 105 -8.64 -9.18 0.20
N LYS A 106 -7.46 -9.60 -0.26
CA LYS A 106 -6.27 -8.77 -0.09
C LYS A 106 -6.45 -7.43 -0.77
N LYS A 107 -7.13 -7.41 -1.91
CA LYS A 107 -7.53 -6.15 -2.54
C LYS A 107 -8.38 -5.34 -1.56
N LYS A 108 -9.41 -5.98 -1.00
CA LYS A 108 -10.33 -5.32 -0.08
C LYS A 108 -9.66 -4.87 1.21
N ASP A 109 -8.66 -5.63 1.68
CA ASP A 109 -8.11 -5.41 3.01
C ASP A 109 -6.86 -4.55 3.02
N GLU A 110 -6.17 -4.39 1.88
CA GLU A 110 -4.86 -3.77 1.87
C GLU A 110 -4.68 -2.66 0.85
N ASN A 111 -5.59 -2.47 -0.09
CA ASN A 111 -5.43 -1.44 -1.12
C ASN A 111 -5.80 -0.06 -0.61
N ASN A 112 -4.87 0.88 -0.72
CA ASN A 112 -5.11 2.27 -0.37
C ASN A 112 -5.72 3.05 -1.54
N GLU A 113 -5.82 2.44 -2.72
CA GLU A 113 -6.41 3.09 -3.88
C GLU A 113 -7.42 2.14 -4.54
N VAL A 114 -8.11 2.68 -5.53
CA VAL A 114 -9.19 1.95 -6.20
C VAL A 114 -8.63 1.34 -7.48
N VAL A 115 -9.27 0.27 -7.92
CA VAL A 115 -8.88 -0.41 -9.15
C VAL A 115 -10.14 -0.89 -9.86
N ASP A 116 -10.15 -0.75 -11.18
CA ASP A 116 -11.27 -1.16 -12.01
C ASP A 116 -10.87 -2.44 -12.74
N ASP A 117 -11.41 -3.57 -12.30
CA ASP A 117 -11.09 -4.86 -12.92
C ASP A 117 -12.33 -5.71 -13.17
N ASP A 118 -13.53 -5.11 -13.19
CA ASP A 118 -14.73 -5.87 -13.52
C ASP A 118 -14.55 -6.64 -14.82
N LEU A 119 -14.03 -5.96 -15.85
CA LEU A 119 -13.85 -6.62 -17.14
C LEU A 119 -12.83 -7.75 -17.04
N ALA A 120 -11.69 -7.47 -16.39
CA ALA A 120 -10.67 -8.50 -16.21
C ALA A 120 -11.26 -9.74 -15.56
N LEU A 121 -11.83 -9.58 -14.37
CA LEU A 121 -12.38 -10.72 -13.65
C LEU A 121 -13.48 -11.40 -14.45
N ASN A 122 -14.34 -10.61 -15.11
CA ASN A 122 -15.43 -11.21 -15.87
C ASN A 122 -14.88 -12.15 -16.94
N GLU A 123 -13.84 -11.72 -17.66
CA GLU A 123 -13.23 -12.57 -18.67
C GLU A 123 -12.68 -13.84 -18.03
N LEU A 124 -12.10 -13.73 -16.84
CA LEU A 124 -11.57 -14.91 -16.16
C LEU A 124 -12.67 -15.90 -15.83
N ILE A 125 -13.80 -15.42 -15.32
CA ILE A 125 -14.88 -16.34 -14.97
C ILE A 125 -15.47 -16.97 -16.22
N ASN A 126 -15.45 -16.26 -17.35
CA ASN A 126 -15.90 -16.89 -18.59
C ASN A 126 -15.01 -18.06 -18.95
N LYS A 127 -13.70 -17.94 -18.71
CA LYS A 127 -12.79 -19.05 -18.97
C LYS A 127 -13.09 -20.23 -18.07
N PHE A 128 -13.34 -19.98 -16.78
CA PHE A 128 -13.57 -21.09 -15.87
C PHE A 128 -14.84 -21.85 -16.21
N SER A 129 -15.80 -21.17 -16.86
CA SER A 129 -17.09 -21.78 -17.11
C SER A 129 -17.05 -22.76 -18.27
N SER A 130 -16.15 -22.57 -19.24
CA SER A 130 -15.93 -23.59 -20.25
C SER A 130 -15.49 -24.91 -19.62
N TYR A 131 -14.58 -24.83 -18.65
CA TYR A 131 -14.07 -25.98 -17.91
C TYR A 131 -14.93 -26.35 -16.70
N GLN A 132 -16.17 -25.85 -16.61
CA GLN A 132 -17.06 -26.19 -15.51
C GLN A 132 -17.21 -27.70 -15.34
N LYS A 133 -17.37 -28.41 -16.46
CA LYS A 133 -17.52 -29.87 -16.41
C LYS A 133 -16.41 -30.51 -15.59
N ASP A 134 -15.17 -30.05 -15.78
CA ASP A 134 -14.06 -30.60 -15.03
C ASP A 134 -14.09 -30.11 -13.58
N ILE A 135 -14.51 -28.86 -13.35
CA ILE A 135 -14.51 -28.32 -11.99
C ILE A 135 -15.44 -29.13 -11.11
N ILE A 136 -16.67 -29.34 -11.58
CA ILE A 136 -17.65 -30.09 -10.80
C ILE A 136 -17.09 -31.46 -10.46
N SER A 137 -16.39 -32.07 -11.41
CA SER A 137 -15.77 -33.37 -11.17
C SER A 137 -14.72 -33.28 -10.06
N PHE A 138 -13.87 -32.24 -10.11
CA PHE A 138 -12.81 -32.11 -9.12
C PHE A 138 -13.38 -31.83 -7.74
N VAL A 139 -14.26 -30.83 -7.62
CA VAL A 139 -14.79 -30.45 -6.31
C VAL A 139 -15.63 -31.60 -5.73
N GLU A 140 -16.35 -32.32 -6.60
CA GLU A 140 -17.18 -33.42 -6.12
C GLU A 140 -16.34 -34.55 -5.53
N LYS A 141 -15.22 -34.88 -6.18
CA LYS A 141 -14.35 -35.92 -5.65
C LYS A 141 -13.80 -35.54 -4.27
N ASN A 142 -13.31 -34.32 -4.14
CA ASN A 142 -12.76 -33.84 -2.88
C ASN A 142 -13.83 -33.65 -1.81
N LYS A 143 -15.12 -33.72 -2.16
CA LYS A 143 -16.15 -33.75 -1.13
C LYS A 143 -16.02 -34.99 -0.25
N LYS A 144 -15.31 -36.01 -0.71
CA LYS A 144 -15.07 -37.20 0.08
C LYS A 144 -13.62 -37.25 0.58
N ASP B 4 6.70 -11.74 -21.59
CA ASP B 4 6.49 -13.15 -21.25
C ASP B 4 7.40 -13.59 -20.11
N ALA B 5 8.48 -12.83 -19.89
CA ALA B 5 9.42 -13.11 -18.81
C ALA B 5 8.70 -13.31 -17.48
N SER B 6 8.14 -12.22 -16.95
CA SER B 6 7.44 -12.30 -15.66
C SER B 6 6.29 -13.30 -15.70
N THR B 7 5.62 -13.42 -16.85
CA THR B 7 4.46 -14.31 -16.96
C THR B 7 4.82 -15.76 -16.70
N LYS B 8 5.95 -16.23 -17.25
CA LYS B 8 6.25 -17.67 -17.19
C LYS B 8 6.61 -18.08 -15.77
N LYS B 9 7.27 -17.19 -15.03
CA LYS B 9 7.63 -17.50 -13.66
C LYS B 9 6.39 -17.67 -12.79
N LEU B 10 5.38 -16.81 -12.99
CA LEU B 10 4.19 -16.88 -12.16
C LEU B 10 3.26 -18.00 -12.60
N SER B 11 3.18 -18.27 -13.91
CA SER B 11 2.42 -19.42 -14.37
C SER B 11 2.98 -20.71 -13.79
N GLU B 12 4.31 -20.84 -13.75
CA GLU B 12 4.93 -22.04 -13.20
C GLU B 12 4.59 -22.21 -11.72
N CYS B 13 4.68 -21.13 -10.93
CA CYS B 13 4.29 -21.22 -9.54
C CYS B 13 2.86 -21.72 -9.42
N LEU B 14 2.00 -21.27 -10.33
CA LEU B 14 0.60 -21.67 -10.32
C LEU B 14 0.46 -23.10 -10.77
N LYS B 15 1.13 -23.46 -11.88
CA LYS B 15 1.07 -24.83 -12.37
C LYS B 15 1.54 -25.82 -11.32
N ARG B 16 2.59 -25.46 -10.55
CA ARG B 16 3.08 -26.37 -9.52
C ARG B 16 2.04 -26.59 -8.43
N ILE B 17 1.27 -25.55 -8.09
CA ILE B 17 0.20 -25.71 -7.11
C ILE B 17 -0.80 -26.76 -7.58
N GLY B 18 -1.04 -26.83 -8.89
CA GLY B 18 -1.92 -27.87 -9.41
C GLY B 18 -1.31 -29.26 -9.31
N ASP B 19 -0.02 -29.38 -9.60
CA ASP B 19 0.64 -30.68 -9.48
C ASP B 19 0.60 -31.18 -8.04
N GLU B 20 0.92 -30.30 -7.10
CA GLU B 20 0.86 -30.65 -5.68
C GLU B 20 -0.55 -31.08 -5.28
N LEU B 21 -1.57 -30.49 -5.90
CA LEU B 21 -2.95 -30.84 -5.57
C LEU B 21 -3.31 -32.24 -6.07
N ASP B 22 -2.92 -32.58 -7.29
CA ASP B 22 -3.22 -33.91 -7.81
C ASP B 22 -2.52 -34.99 -6.99
N SER B 23 -1.25 -34.78 -6.64
CA SER B 23 -0.52 -35.76 -5.85
C SER B 23 -1.18 -35.97 -4.49
N ASN B 24 -1.60 -34.88 -3.84
CA ASN B 24 -2.24 -34.97 -2.53
C ASN B 24 -3.51 -35.81 -2.59
N MET B 25 -4.36 -35.55 -3.58
CA MET B 25 -5.71 -36.13 -3.63
C MET B 25 -5.78 -37.34 -4.57
N GLU B 26 -4.65 -38.03 -4.78
CA GLU B 26 -4.65 -39.25 -5.57
C GLU B 26 -3.62 -40.25 -5.02
N ASN C 5 -4.52 19.16 3.26
CA ASN C 5 -4.66 18.71 1.87
C ASN C 5 -5.49 17.43 1.82
N TYR C 6 -6.73 17.52 2.27
CA TYR C 6 -7.65 16.41 2.18
C TYR C 6 -8.00 16.11 0.73
N ASN C 7 -8.48 14.89 0.49
CA ASN C 7 -8.82 14.41 -0.85
C ASN C 7 -10.22 13.84 -0.85
N ILE C 8 -11.12 14.49 -1.59
CA ILE C 8 -12.53 14.08 -1.64
C ILE C 8 -12.71 12.74 -2.34
N GLU C 9 -11.87 12.43 -3.33
CA GLU C 9 -12.16 11.27 -4.16
C GLU C 9 -12.06 9.97 -3.39
N LYS C 10 -11.08 9.85 -2.49
CA LYS C 10 -11.03 8.65 -1.65
C LYS C 10 -12.19 8.60 -0.67
N VAL C 11 -12.60 9.74 -0.13
CA VAL C 11 -13.75 9.72 0.78
C VAL C 11 -14.97 9.16 0.07
N LEU C 12 -15.19 9.57 -1.19
CA LEU C 12 -16.30 9.02 -1.95
C LEU C 12 -16.04 7.57 -2.32
N ASN C 13 -14.78 7.22 -2.60
CA ASN C 13 -14.43 5.84 -2.90
C ASN C 13 -14.59 4.94 -1.68
N VAL C 14 -14.34 5.47 -0.49
CA VAL C 14 -14.64 4.74 0.73
C VAL C 14 -16.15 4.62 0.90
N TYR C 15 -16.87 5.72 0.70
CA TYR C 15 -18.31 5.73 0.91
C TYR C 15 -19.03 4.87 -0.12
N LEU C 16 -18.59 4.90 -1.37
CA LEU C 16 -19.32 4.26 -2.47
C LEU C 16 -18.69 2.95 -2.93
N ARG C 17 -17.35 2.86 -2.98
CA ARG C 17 -16.67 1.69 -3.53
C ARG C 17 -16.05 0.81 -2.46
N ASP C 18 -16.45 0.97 -1.20
CA ASP C 18 -15.97 0.11 -0.12
C ASP C 18 -14.45 0.10 -0.03
N LEU C 19 -13.84 1.25 -0.30
CA LEU C 19 -12.41 1.41 -0.12
C LEU C 19 -12.07 1.43 1.37
N ARG C 20 -10.92 0.88 1.71
CA ARG C 20 -10.49 0.81 3.11
C ARG C 20 -10.57 2.19 3.77
N ILE C 21 -11.25 2.26 4.91
CA ILE C 21 -11.32 3.53 5.62
C ILE C 21 -9.94 3.95 6.11
N GLU C 22 -9.00 3.00 6.24
CA GLU C 22 -7.67 3.32 6.72
C GLU C 22 -6.86 4.16 5.73
N SER C 23 -7.34 4.29 4.49
CA SER C 23 -6.68 5.13 3.50
C SER C 23 -6.94 6.61 3.74
N LEU C 24 -7.77 6.95 4.71
CA LEU C 24 -8.15 8.32 4.98
C LEU C 24 -7.32 8.85 6.14
N ASN C 25 -6.91 10.11 6.03
CA ASN C 25 -6.29 10.81 7.14
C ASN C 25 -7.37 11.36 8.06
N ASN C 26 -6.95 12.08 9.10
CA ASN C 26 -7.92 12.59 10.08
C ASN C 26 -8.92 13.54 9.45
N ASN C 27 -8.45 14.52 8.69
CA ASN C 27 -9.36 15.49 8.10
C ASN C 27 -10.39 14.82 7.20
N GLU C 28 -9.93 14.08 6.19
CA GLU C 28 -10.83 13.43 5.26
C GLU C 28 -11.70 12.38 5.94
N LEU C 29 -11.24 11.84 7.07
CA LEU C 29 -12.06 10.90 7.81
C LEU C 29 -13.29 11.59 8.39
N GLU C 30 -13.11 12.80 8.95
CA GLU C 30 -14.25 13.60 9.37
C GLU C 30 -15.18 13.89 8.21
N ILE C 31 -14.61 14.20 7.04
CA ILE C 31 -15.43 14.49 5.86
C ILE C 31 -16.32 13.30 5.54
N LEU C 32 -15.79 12.08 5.67
CA LEU C 32 -16.60 10.89 5.41
C LEU C 32 -17.85 10.88 6.29
N ILE C 33 -17.67 11.13 7.58
CA ILE C 33 -18.82 11.16 8.49
C ILE C 33 -19.85 12.18 8.03
N MET C 34 -19.40 13.39 7.67
CA MET C 34 -20.34 14.43 7.27
C MET C 34 -21.08 14.02 6.00
N ILE C 35 -20.37 13.51 5.00
CA ILE C 35 -21.05 13.02 3.81
C ILE C 35 -21.98 11.87 4.16
N ARG C 36 -21.50 10.93 4.99
CA ARG C 36 -22.31 9.79 5.38
C ARG C 36 -23.59 10.24 6.07
N GLU C 37 -23.47 11.15 7.04
CA GLU C 37 -24.65 11.61 7.77
C GLU C 37 -25.58 12.43 6.89
N CYS C 38 -25.01 13.36 6.10
CA CYS C 38 -25.84 14.22 5.28
C CYS C 38 -26.61 13.41 4.24
N CYS C 39 -25.97 12.44 3.59
CA CYS C 39 -26.65 11.62 2.60
C CYS C 39 -27.68 10.70 3.24
N GLU C 40 -27.44 10.26 4.49
CA GLU C 40 -28.40 9.40 5.16
C GLU C 40 -29.74 10.10 5.36
N VAL C 41 -29.71 11.39 5.69
CA VAL C 41 -30.96 12.14 5.81
C VAL C 41 -31.62 12.30 4.45
N ILE C 42 -30.84 12.65 3.43
CA ILE C 42 -31.38 12.79 2.08
C ILE C 42 -32.02 11.48 1.64
N LYS C 43 -31.37 10.35 1.94
CA LYS C 43 -31.87 9.06 1.51
C LYS C 43 -33.19 8.68 2.19
N LYS C 44 -33.40 9.14 3.43
CA LYS C 44 -34.63 8.84 4.16
C LYS C 44 -35.77 9.80 3.82
N ASP C 45 -35.49 11.11 3.84
CA ASP C 45 -36.54 12.09 3.56
C ASP C 45 -37.19 11.83 2.20
N TYR C 46 -36.38 11.47 1.21
CA TYR C 46 -36.85 11.28 -0.16
C TYR C 46 -36.80 9.80 -0.54
N LYS C 47 -37.01 8.91 0.43
CA LYS C 47 -37.01 7.48 0.14
C LYS C 47 -37.99 7.13 -0.97
N THR C 48 -39.18 7.71 -0.93
CA THR C 48 -40.19 7.40 -1.94
C THR C 48 -39.77 7.83 -3.34
N GLU C 49 -39.20 9.03 -3.48
CA GLU C 49 -38.87 9.53 -4.80
C GLU C 49 -37.66 8.79 -5.39
N PHE C 50 -36.67 8.49 -4.55
CA PHE C 50 -35.51 7.73 -5.02
C PHE C 50 -35.94 6.35 -5.53
N ASN C 51 -36.77 5.65 -4.76
CA ASN C 51 -37.21 4.33 -5.18
C ASN C 51 -37.96 4.39 -6.50
N GLU C 52 -38.81 5.40 -6.67
CA GLU C 52 -39.50 5.56 -7.94
C GLU C 52 -38.52 5.64 -9.09
N ILE C 53 -37.38 6.32 -8.87
CA ILE C 53 -36.33 6.36 -9.87
C ILE C 53 -35.73 4.97 -10.07
N CYS C 54 -35.35 4.31 -8.97
CA CYS C 54 -34.77 2.99 -9.08
C CYS C 54 -35.73 2.00 -9.72
N ASN C 55 -37.01 2.05 -9.35
CA ASN C 55 -37.98 1.16 -9.97
C ASN C 55 -38.10 1.45 -11.46
N PHE C 56 -37.78 2.68 -11.87
CA PHE C 56 -37.84 3.01 -13.29
C PHE C 56 -36.70 2.37 -14.06
N ILE C 57 -35.47 2.52 -13.56
CA ILE C 57 -34.34 1.94 -14.27
C ILE C 57 -34.42 0.42 -14.23
N LEU C 58 -34.92 -0.13 -13.12
CA LEU C 58 -35.06 -1.57 -12.99
C LEU C 58 -35.97 -2.13 -14.09
N GLN C 59 -37.13 -1.50 -14.27
CA GLN C 59 -38.09 -1.98 -15.27
C GLN C 59 -37.60 -1.75 -16.69
N ASN C 60 -36.62 -0.85 -16.88
CA ASN C 60 -36.05 -0.56 -18.19
C ASN C 60 -34.68 -1.16 -18.41
N ASN C 61 -34.21 -2.02 -17.50
CA ASN C 61 -32.92 -2.68 -17.66
C ASN C 61 -33.10 -4.00 -18.38
N VAL C 62 -32.27 -4.24 -19.40
CA VAL C 62 -32.51 -5.38 -20.28
C VAL C 62 -32.51 -6.69 -19.50
N LYS C 63 -31.68 -6.79 -18.47
CA LYS C 63 -31.55 -8.04 -17.71
C LYS C 63 -32.31 -7.98 -16.38
N SER C 64 -33.12 -6.95 -16.18
CA SER C 64 -33.84 -6.76 -14.92
C SER C 64 -32.87 -6.64 -13.74
N CYS C 65 -31.86 -5.80 -13.90
CA CYS C 65 -30.86 -5.58 -12.88
C CYS C 65 -30.60 -4.08 -12.75
N TYR C 66 -30.17 -3.67 -11.56
CA TYR C 66 -29.70 -2.30 -11.36
C TYR C 66 -28.28 -2.20 -11.92
N ASP C 67 -28.08 -1.28 -12.86
CA ASP C 67 -26.79 -1.13 -13.56
C ASP C 67 -26.44 0.34 -13.55
N ILE C 68 -25.27 0.68 -12.99
CA ILE C 68 -24.87 2.07 -12.91
C ILE C 68 -24.63 2.68 -14.28
N ASN C 69 -24.38 1.86 -15.30
CA ASN C 69 -24.25 2.40 -16.65
C ASN C 69 -25.52 3.12 -17.09
N ASP C 70 -26.69 2.64 -16.64
CA ASP C 70 -27.95 3.28 -16.99
C ASP C 70 -28.04 4.69 -16.42
N VAL C 71 -27.75 4.84 -15.12
CA VAL C 71 -27.85 6.13 -14.45
C VAL C 71 -26.64 7.02 -14.67
N LYS C 72 -25.59 6.51 -15.31
CA LYS C 72 -24.38 7.30 -15.53
C LYS C 72 -24.68 8.56 -16.32
N ASN C 73 -25.22 8.39 -17.52
CA ASN C 73 -25.46 9.54 -18.40
C ASN C 73 -26.42 10.55 -17.76
N ILE C 74 -27.36 10.07 -16.95
CA ILE C 74 -28.36 10.97 -16.38
C ILE C 74 -27.72 11.91 -15.37
N ILE C 75 -26.85 11.40 -14.50
CA ILE C 75 -26.31 12.23 -13.43
C ILE C 75 -25.44 13.34 -14.00
N ILE C 76 -24.49 13.01 -14.88
CA ILE C 76 -23.59 14.03 -15.41
C ILE C 76 -24.40 15.12 -16.12
N GLU C 77 -25.40 14.72 -16.91
CA GLU C 77 -26.26 15.73 -17.55
C GLU C 77 -26.98 16.56 -16.51
N THR C 78 -27.52 15.91 -15.48
CA THR C 78 -28.20 16.64 -14.42
C THR C 78 -27.26 17.63 -13.75
N ILE C 79 -26.02 17.23 -13.49
CA ILE C 79 -25.09 18.11 -12.77
C ILE C 79 -24.68 19.29 -13.66
N ASN C 80 -24.31 19.02 -14.91
CA ASN C 80 -23.84 20.09 -15.78
C ASN C 80 -24.93 21.11 -16.04
N SER C 81 -26.15 20.65 -16.36
CA SER C 81 -27.26 21.56 -16.59
C SER C 81 -27.68 22.27 -15.31
N ASP C 82 -27.54 21.60 -14.17
CA ASP C 82 -27.91 22.14 -12.87
C ASP C 82 -26.91 21.61 -11.86
N PHE C 83 -26.01 22.47 -11.38
CA PHE C 83 -24.93 22.06 -10.49
C PHE C 83 -25.06 22.71 -9.12
N ARG C 84 -26.23 22.56 -8.50
CA ARG C 84 -26.41 23.06 -7.15
C ARG C 84 -25.77 22.09 -6.18
N PRO C 85 -25.11 22.55 -5.12
CA PRO C 85 -24.52 21.58 -4.18
C PRO C 85 -25.54 20.57 -3.68
N SER C 86 -26.82 20.95 -3.58
CA SER C 86 -27.85 20.04 -3.14
C SER C 86 -28.10 18.92 -4.14
N VAL C 87 -28.19 19.27 -5.43
CA VAL C 87 -28.48 18.24 -6.43
C VAL C 87 -27.31 17.30 -6.57
N ILE C 88 -26.09 17.78 -6.30
CA ILE C 88 -24.92 16.89 -6.35
C ILE C 88 -25.06 15.80 -5.29
N LEU C 89 -25.37 16.20 -4.04
CA LEU C 89 -25.54 15.21 -2.99
C LEU C 89 -26.76 14.35 -3.21
N ALA C 90 -27.82 14.88 -3.82
CA ALA C 90 -28.93 14.04 -4.20
C ALA C 90 -28.49 12.97 -5.19
N SER C 91 -27.55 13.32 -6.07
CA SER C 91 -26.98 12.34 -6.99
C SER C 91 -26.18 11.29 -6.25
N ILE C 92 -25.30 11.73 -5.34
CA ILE C 92 -24.51 10.79 -4.54
C ILE C 92 -25.44 9.88 -3.74
N SER C 93 -26.52 10.44 -3.19
CA SER C 93 -27.45 9.63 -2.41
C SER C 93 -28.13 8.58 -3.26
N LEU C 94 -28.60 8.97 -4.44
CA LEU C 94 -29.15 7.99 -5.37
C LEU C 94 -28.14 6.89 -5.66
N LEU C 95 -26.90 7.26 -5.97
CA LEU C 95 -25.88 6.27 -6.29
C LEU C 95 -25.64 5.32 -5.12
N SER C 96 -25.60 5.86 -3.89
CA SER C 96 -25.41 5.00 -2.73
C SER C 96 -26.57 4.00 -2.60
N ILE C 97 -27.79 4.45 -2.93
CA ILE C 97 -28.95 3.57 -2.89
C ILE C 97 -28.84 2.50 -3.98
N ILE C 98 -28.46 2.91 -5.19
CA ILE C 98 -28.31 1.95 -6.28
C ILE C 98 -27.34 0.86 -5.90
N ILE C 99 -26.24 1.22 -5.23
CA ILE C 99 -25.19 0.26 -4.92
C ILE C 99 -25.72 -0.82 -3.97
N LYS C 100 -26.43 -0.43 -2.91
CA LYS C 100 -26.94 -1.43 -1.97
C LYS C 100 -28.05 -2.26 -2.58
N LYS C 101 -28.98 -1.62 -3.29
CA LYS C 101 -30.00 -2.37 -4.00
C LYS C 101 -29.39 -3.31 -5.02
N LYS C 102 -28.30 -2.88 -5.66
CA LYS C 102 -27.60 -3.75 -6.59
C LYS C 102 -27.19 -5.05 -5.90
N LYS C 103 -26.48 -4.95 -4.78
CA LYS C 103 -26.00 -6.14 -4.08
C LYS C 103 -27.13 -6.96 -3.47
N ASP C 104 -28.24 -6.32 -3.07
CA ASP C 104 -29.27 -7.02 -2.32
C ASP C 104 -30.37 -7.60 -3.20
N GLU C 105 -30.49 -7.15 -4.45
CA GLU C 105 -31.61 -7.54 -5.29
C GLU C 105 -31.23 -8.04 -6.67
N ASN C 106 -29.98 -7.85 -7.12
CA ASN C 106 -29.57 -8.28 -8.45
C ASN C 106 -29.26 -9.77 -8.43
N ASN C 107 -29.94 -10.52 -9.30
CA ASN C 107 -29.64 -11.94 -9.47
C ASN C 107 -28.58 -12.21 -10.53
N GLU C 108 -28.12 -11.19 -11.25
CA GLU C 108 -27.07 -11.37 -12.23
C GLU C 108 -26.04 -10.26 -12.07
N VAL C 109 -24.94 -10.37 -12.81
CA VAL C 109 -23.80 -9.49 -12.64
C VAL C 109 -23.86 -8.35 -13.65
N VAL C 110 -23.19 -7.26 -13.30
CA VAL C 110 -23.10 -6.07 -14.13
C VAL C 110 -21.71 -5.47 -13.95
N ASP C 111 -21.12 -5.02 -15.06
CA ASP C 111 -19.79 -4.41 -15.04
C ASP C 111 -19.97 -2.90 -15.21
N ASP C 112 -19.81 -2.17 -14.10
CA ASP C 112 -19.95 -0.72 -14.11
C ASP C 112 -18.83 -0.04 -13.35
N ASP C 113 -17.70 -0.72 -13.12
CA ASP C 113 -16.56 -0.08 -12.47
C ASP C 113 -16.20 1.21 -13.19
N LEU C 114 -16.11 1.17 -14.51
CA LEU C 114 -15.73 2.35 -15.28
C LEU C 114 -16.79 3.44 -15.15
N ALA C 115 -18.06 3.09 -15.32
CA ALA C 115 -19.14 4.06 -15.16
C ALA C 115 -19.05 4.72 -13.79
N LEU C 116 -19.05 3.91 -12.72
CA LEU C 116 -19.05 4.45 -11.37
C LEU C 116 -17.85 5.37 -11.16
N ASN C 117 -16.66 4.95 -11.59
CA ASN C 117 -15.48 5.78 -11.41
C ASN C 117 -15.65 7.13 -12.10
N GLU C 118 -16.17 7.12 -13.32
CA GLU C 118 -16.36 8.37 -14.05
C GLU C 118 -17.26 9.33 -13.27
N LEU C 119 -18.31 8.80 -12.64
CA LEU C 119 -19.19 9.63 -11.84
C LEU C 119 -18.45 10.28 -10.68
N ILE C 120 -17.60 9.50 -9.99
CA ILE C 120 -16.89 10.02 -8.82
C ILE C 120 -15.89 11.10 -9.22
N ASN C 121 -15.32 11.01 -10.43
CA ASN C 121 -14.44 12.07 -10.91
C ASN C 121 -15.20 13.38 -11.05
N LYS C 122 -16.48 13.31 -11.45
CA LYS C 122 -17.31 14.50 -11.59
C LYS C 122 -17.46 15.23 -10.27
N PHE C 123 -17.64 14.48 -9.19
CA PHE C 123 -17.89 15.06 -7.88
C PHE C 123 -16.70 15.85 -7.31
N SER C 124 -15.47 15.53 -7.71
CA SER C 124 -14.33 16.16 -7.04
C SER C 124 -14.05 17.59 -7.51
N SER C 125 -14.37 17.93 -8.76
CA SER C 125 -14.37 19.34 -9.13
C SER C 125 -15.34 20.12 -8.26
N TYR C 126 -16.50 19.52 -7.98
CA TYR C 126 -17.50 20.10 -7.12
C TYR C 126 -17.23 19.82 -5.64
N GLN C 127 -16.03 19.33 -5.32
CA GLN C 127 -15.62 19.17 -3.92
C GLN C 127 -15.76 20.49 -3.18
N LYS C 128 -15.23 21.57 -3.76
CA LYS C 128 -15.34 22.87 -3.12
C LYS C 128 -16.78 23.15 -2.75
N ASP C 129 -17.72 22.84 -3.65
CA ASP C 129 -19.13 23.04 -3.37
C ASP C 129 -19.66 22.01 -2.37
N ILE C 130 -19.21 20.76 -2.48
CA ILE C 130 -19.76 19.70 -1.63
C ILE C 130 -19.39 19.92 -0.15
N ILE C 131 -18.11 20.14 0.14
CA ILE C 131 -17.69 20.22 1.54
C ILE C 131 -18.48 21.30 2.26
N SER C 132 -18.74 22.41 1.59
CA SER C 132 -19.53 23.48 2.20
C SER C 132 -20.94 23.02 2.55
N PHE C 133 -21.57 22.26 1.65
CA PHE C 133 -22.95 21.85 1.88
C PHE C 133 -23.07 20.96 3.11
N VAL C 134 -22.26 19.89 3.18
CA VAL C 134 -22.37 18.96 4.29
C VAL C 134 -22.05 19.69 5.60
N GLU C 135 -21.15 20.67 5.54
CA GLU C 135 -20.79 21.43 6.73
C GLU C 135 -22.01 22.15 7.29
N LYS C 136 -22.86 22.71 6.41
CA LYS C 136 -24.05 23.39 6.90
C LYS C 136 -24.95 22.42 7.67
N ASN C 137 -25.20 21.23 7.12
CA ASN C 137 -26.02 20.25 7.82
C ASN C 137 -25.43 19.90 9.18
N LYS C 138 -24.10 19.86 9.29
CA LYS C 138 -23.48 19.67 10.59
C LYS C 138 -23.81 20.81 11.53
N LYS C 139 -23.72 22.06 11.04
CA LYS C 139 -24.04 23.21 11.88
C LYS C 139 -25.54 23.36 12.09
N LYS C 140 -26.34 23.09 11.06
CA LYS C 140 -27.78 23.24 11.17
C LYS C 140 -28.42 22.16 12.02
N ASN C 141 -27.78 21.00 12.17
CA ASN C 141 -28.31 19.96 13.04
C ASN C 141 -28.41 20.46 14.48
N LYS C 142 -27.31 20.97 15.02
CA LYS C 142 -27.28 21.55 16.37
C LYS C 142 -28.14 20.78 17.36
N GLN D 3 -31.84 7.19 -25.52
CA GLN D 3 -32.96 7.27 -24.59
C GLN D 3 -33.15 8.70 -24.09
N ASP D 4 -33.12 9.67 -25.01
CA ASP D 4 -33.27 11.07 -24.63
C ASP D 4 -34.60 11.31 -23.92
N ALA D 5 -35.67 10.71 -24.42
CA ALA D 5 -36.95 10.75 -23.72
C ALA D 5 -36.79 10.31 -22.27
N SER D 6 -36.44 9.05 -22.07
CA SER D 6 -36.35 8.49 -20.72
C SER D 6 -35.36 9.25 -19.84
N THR D 7 -34.23 9.68 -20.41
CA THR D 7 -33.21 10.33 -19.57
C THR D 7 -33.71 11.65 -19.00
N LYS D 8 -34.39 12.47 -19.81
CA LYS D 8 -34.77 13.79 -19.32
C LYS D 8 -35.86 13.70 -18.26
N LYS D 9 -36.76 12.73 -18.36
CA LYS D 9 -37.73 12.56 -17.28
C LYS D 9 -37.02 12.20 -15.98
N LEU D 10 -36.00 11.36 -16.05
CA LEU D 10 -35.32 10.94 -14.82
C LEU D 10 -34.43 12.05 -14.29
N SER D 11 -33.79 12.80 -15.19
CA SER D 11 -33.03 13.97 -14.76
C SER D 11 -33.94 14.97 -14.05
N GLU D 12 -35.15 15.19 -14.59
CA GLU D 12 -36.09 16.11 -13.95
C GLU D 12 -36.47 15.64 -12.55
N CYS D 13 -36.78 14.34 -12.40
CA CYS D 13 -37.10 13.80 -11.08
C CYS D 13 -35.98 14.06 -10.09
N LEU D 14 -34.74 13.98 -10.56
CA LEU D 14 -33.60 14.16 -9.66
C LEU D 14 -33.45 15.63 -9.27
N LYS D 15 -33.55 16.54 -10.24
CA LYS D 15 -33.39 17.96 -9.95
C LYS D 15 -34.40 18.42 -8.90
N ARG D 16 -35.63 17.90 -8.96
CA ARG D 16 -36.64 18.29 -7.99
C ARG D 16 -36.25 17.88 -6.58
N ILE D 17 -35.59 16.73 -6.43
CA ILE D 17 -35.15 16.31 -5.10
C ILE D 17 -34.22 17.34 -4.49
N GLY D 18 -33.37 17.97 -5.30
CA GLY D 18 -32.50 19.02 -4.79
C GLY D 18 -33.24 20.30 -4.43
N ASP D 19 -34.23 20.68 -5.25
CA ASP D 19 -34.99 21.89 -4.94
C ASP D 19 -35.68 21.77 -3.58
N GLU D 20 -36.31 20.62 -3.32
CA GLU D 20 -36.90 20.39 -2.01
C GLU D 20 -35.86 20.48 -0.91
N LEU D 21 -34.61 20.09 -1.21
CA LEU D 21 -33.53 20.19 -0.24
C LEU D 21 -33.20 21.65 0.04
N ASP D 22 -33.17 22.48 -1.00
CA ASP D 22 -32.92 23.91 -0.82
C ASP D 22 -34.01 24.55 0.03
N SER D 23 -35.26 24.13 -0.15
CA SER D 23 -36.34 24.72 0.62
C SER D 23 -36.09 24.56 2.13
N ASN D 24 -35.70 23.36 2.55
CA ASN D 24 -35.36 23.16 3.96
C ASN D 24 -34.18 24.04 4.36
N MET D 25 -33.09 23.97 3.60
CA MET D 25 -31.88 24.74 3.89
C MET D 25 -32.16 26.24 3.82
N ASN E 5 36.65 -35.05 -10.76
CA ASN E 5 35.25 -35.13 -10.35
C ASN E 5 35.18 -35.06 -8.82
N TYR E 6 34.10 -35.59 -8.25
CA TYR E 6 33.82 -35.41 -6.83
C TYR E 6 32.81 -36.47 -6.43
N ASN E 7 32.67 -36.66 -5.11
CA ASN E 7 31.71 -37.63 -4.58
C ASN E 7 30.88 -36.91 -3.51
N ILE E 8 29.58 -36.75 -3.79
CA ILE E 8 28.70 -36.03 -2.86
C ILE E 8 28.48 -36.83 -1.59
N GLU E 9 28.53 -38.16 -1.68
CA GLU E 9 28.21 -38.99 -0.51
C GLU E 9 29.18 -38.70 0.61
N LYS E 10 30.45 -38.45 0.27
CA LYS E 10 31.42 -38.06 1.27
C LYS E 10 31.02 -36.73 1.90
N VAL E 11 30.58 -35.76 1.08
CA VAL E 11 30.19 -34.46 1.58
C VAL E 11 29.01 -34.58 2.54
N LEU E 12 28.05 -35.43 2.22
CA LEU E 12 26.89 -35.59 3.08
C LEU E 12 27.27 -36.25 4.40
N ASN E 13 28.23 -37.19 4.35
CA ASN E 13 28.70 -37.83 5.57
C ASN E 13 29.47 -36.86 6.46
N VAL E 14 30.17 -35.89 5.85
CA VAL E 14 30.79 -34.82 6.63
C VAL E 14 29.72 -33.92 7.25
N TYR E 15 28.74 -33.50 6.44
CA TYR E 15 27.73 -32.56 6.90
C TYR E 15 26.83 -33.19 7.96
N LEU E 16 26.45 -34.45 7.79
CA LEU E 16 25.50 -35.10 8.69
C LEU E 16 26.16 -36.03 9.69
N ARG E 17 27.19 -36.78 9.29
CA ARG E 17 27.77 -37.81 10.14
C ARG E 17 29.12 -37.40 10.74
N ASP E 18 29.46 -36.11 10.68
CA ASP E 18 30.66 -35.58 11.34
C ASP E 18 31.93 -36.34 10.93
N LEU E 19 32.01 -36.70 9.66
CA LEU E 19 33.23 -37.28 9.14
C LEU E 19 34.31 -36.21 9.03
N ARG E 20 35.55 -36.60 9.33
CA ARG E 20 36.67 -35.66 9.27
C ARG E 20 36.72 -35.03 7.88
N ILE E 21 36.77 -33.69 7.85
CA ILE E 21 36.77 -32.97 6.57
C ILE E 21 37.97 -33.33 5.71
N GLU E 22 39.02 -33.87 6.30
CA GLU E 22 40.21 -34.19 5.51
C GLU E 22 39.96 -35.28 4.49
N SER E 23 38.81 -35.96 4.57
CA SER E 23 38.44 -36.96 3.59
C SER E 23 37.94 -36.34 2.29
N LEU E 24 37.77 -35.01 2.26
CA LEU E 24 37.23 -34.32 1.10
C LEU E 24 38.36 -33.68 0.31
N ASN E 25 38.25 -33.72 -1.01
CA ASN E 25 39.15 -32.97 -1.86
C ASN E 25 38.67 -31.52 -1.95
N ASN E 26 39.39 -30.70 -2.72
CA ASN E 26 39.06 -29.29 -2.80
C ASN E 26 37.66 -29.08 -3.38
N ASN E 27 37.34 -29.78 -4.47
CA ASN E 27 36.01 -29.67 -5.05
C ASN E 27 34.95 -30.03 -4.00
N GLU E 28 35.11 -31.19 -3.35
CA GLU E 28 34.14 -31.63 -2.35
C GLU E 28 34.06 -30.67 -1.18
N LEU E 29 35.15 -29.93 -0.90
CA LEU E 29 35.11 -28.95 0.18
C LEU E 29 34.21 -27.78 -0.19
N GLU E 30 34.34 -27.26 -1.42
CA GLU E 30 33.44 -26.21 -1.87
C GLU E 30 32.00 -26.71 -1.87
N ILE E 31 31.78 -27.94 -2.34
CA ILE E 31 30.43 -28.49 -2.35
C ILE E 31 29.85 -28.50 -0.94
N LEU E 32 30.67 -28.85 0.04
CA LEU E 32 30.20 -28.85 1.43
C LEU E 32 29.68 -27.48 1.83
N ILE E 33 30.46 -26.43 1.54
CA ILE E 33 30.02 -25.07 1.86
C ILE E 33 28.70 -24.76 1.17
N MET E 34 28.60 -25.11 -0.12
CA MET E 34 27.40 -24.79 -0.87
C MET E 34 26.18 -25.53 -0.33
N ILE E 35 26.34 -26.83 -0.05
CA ILE E 35 25.23 -27.58 0.53
C ILE E 35 24.89 -27.03 1.90
N ARG E 36 25.90 -26.77 2.73
CA ARG E 36 25.67 -26.27 4.07
C ARG E 36 24.93 -24.92 4.03
N GLU E 37 25.41 -23.99 3.19
CA GLU E 37 24.80 -22.67 3.18
C GLU E 37 23.37 -22.74 2.65
N CYS E 38 23.14 -23.49 1.59
CA CYS E 38 21.78 -23.71 1.12
C CYS E 38 20.92 -24.32 2.22
N CYS E 39 21.41 -25.38 2.86
CA CYS E 39 20.65 -26.02 3.91
C CYS E 39 20.48 -25.12 5.12
N GLU E 40 21.46 -24.23 5.37
CA GLU E 40 21.34 -23.31 6.49
C GLU E 40 20.17 -22.34 6.28
N VAL E 41 19.98 -21.89 5.04
CA VAL E 41 18.84 -21.03 4.72
C VAL E 41 17.54 -21.82 4.84
N ILE E 42 17.51 -23.03 4.28
CA ILE E 42 16.31 -23.87 4.34
C ILE E 42 15.94 -24.14 5.79
N LYS E 43 16.93 -24.41 6.64
CA LYS E 43 16.64 -24.73 8.02
C LYS E 43 16.05 -23.55 8.78
N LYS E 44 16.44 -22.33 8.41
CA LYS E 44 16.00 -21.13 9.12
C LYS E 44 14.66 -20.60 8.60
N ASP E 45 14.51 -20.48 7.29
CA ASP E 45 13.26 -19.94 6.74
C ASP E 45 12.06 -20.77 7.16
N TYR E 46 12.20 -22.10 7.19
CA TYR E 46 11.11 -23.01 7.48
C TYR E 46 11.26 -23.67 8.84
N LYS E 47 11.85 -22.96 9.80
CA LYS E 47 12.06 -23.50 11.14
C LYS E 47 10.76 -23.97 11.78
N THR E 48 9.70 -23.18 11.64
CA THR E 48 8.43 -23.53 12.26
C THR E 48 7.89 -24.84 11.70
N GLU E 49 7.99 -25.02 10.39
CA GLU E 49 7.40 -26.18 9.75
C GLU E 49 8.17 -27.45 10.08
N PHE E 50 9.50 -27.37 10.12
CA PHE E 50 10.31 -28.51 10.52
C PHE E 50 9.99 -28.93 11.95
N ASN E 51 9.91 -27.97 12.87
CA ASN E 51 9.60 -28.29 14.27
C ASN E 51 8.32 -29.10 14.39
N GLU E 52 7.31 -28.77 13.59
CA GLU E 52 6.08 -29.56 13.60
C GLU E 52 6.39 -31.03 13.36
N ILE E 53 7.31 -31.31 12.44
CA ILE E 53 7.74 -32.69 12.21
C ILE E 53 8.47 -33.23 13.44
N CYS E 54 9.45 -32.47 13.94
CA CYS E 54 10.24 -32.93 15.07
C CYS E 54 9.36 -33.18 16.29
N ASN E 55 8.44 -32.25 16.58
CA ASN E 55 7.52 -32.45 17.69
C ASN E 55 6.59 -33.63 17.45
N PHE E 56 6.31 -33.94 16.18
CA PHE E 56 5.42 -35.05 15.86
C PHE E 56 6.08 -36.40 16.14
N ILE E 57 7.31 -36.60 15.63
CA ILE E 57 7.96 -37.89 15.80
C ILE E 57 8.30 -38.12 17.27
N LEU E 58 8.62 -37.04 17.99
CA LEU E 58 8.92 -37.14 19.42
C LEU E 58 7.73 -37.71 20.17
N GLN E 59 6.54 -37.18 19.90
CA GLN E 59 5.34 -37.62 20.59
C GLN E 59 4.92 -39.04 20.24
N ASN E 60 5.42 -39.58 19.13
CA ASN E 60 5.11 -40.95 18.74
C ASN E 60 6.28 -41.91 18.98
N ASN E 61 7.36 -41.46 19.61
CA ASN E 61 8.48 -42.34 19.93
C ASN E 61 8.34 -42.87 21.35
N VAL E 62 8.49 -44.18 21.50
CA VAL E 62 8.22 -44.84 22.78
C VAL E 62 9.12 -44.30 23.87
N LYS E 63 10.34 -43.89 23.51
CA LYS E 63 11.36 -43.47 24.46
C LYS E 63 11.45 -41.96 24.63
N SER E 64 10.52 -41.21 24.02
CA SER E 64 10.53 -39.75 24.11
C SER E 64 11.86 -39.18 23.61
N CYS E 65 12.29 -39.65 22.44
CA CYS E 65 13.54 -39.21 21.84
C CYS E 65 13.35 -38.98 20.36
N TYR E 66 14.18 -38.11 19.79
CA TYR E 66 14.23 -37.92 18.35
C TYR E 66 14.98 -39.09 17.74
N ASP E 67 14.35 -39.79 16.80
CA ASP E 67 14.90 -41.01 16.22
C ASP E 67 14.80 -40.93 14.71
N ILE E 68 15.95 -41.06 14.03
CA ILE E 68 15.96 -41.01 12.57
C ILE E 68 15.24 -42.21 11.97
N ASN E 69 15.09 -43.31 12.72
CA ASN E 69 14.32 -44.44 12.20
C ASN E 69 12.87 -44.04 11.92
N ASP E 70 12.32 -43.12 12.72
CA ASP E 70 10.95 -42.66 12.50
C ASP E 70 10.84 -41.90 11.17
N VAL E 71 11.75 -40.96 10.93
CA VAL E 71 11.70 -40.16 9.71
C VAL E 71 12.31 -40.92 8.54
N LYS E 72 12.96 -42.05 8.81
CA LYS E 72 13.58 -42.85 7.77
C LYS E 72 12.55 -43.33 6.76
N ASN E 73 11.52 -44.00 7.27
CA ASN E 73 10.52 -44.63 6.40
C ASN E 73 9.79 -43.62 5.53
N ILE E 74 9.55 -42.42 6.05
CA ILE E 74 8.77 -41.43 5.30
C ILE E 74 9.56 -40.84 4.14
N ILE E 75 10.83 -40.48 4.36
CA ILE E 75 11.56 -39.73 3.35
C ILE E 75 11.69 -40.54 2.06
N ILE E 76 12.11 -41.79 2.15
CA ILE E 76 12.28 -42.58 0.93
C ILE E 76 10.98 -42.60 0.15
N GLU E 77 9.85 -42.77 0.85
CA GLU E 77 8.56 -42.69 0.18
C GLU E 77 8.33 -41.30 -0.40
N THR E 78 8.64 -40.26 0.38
CA THR E 78 8.49 -38.89 -0.12
C THR E 78 9.37 -38.64 -1.34
N ILE E 79 10.60 -39.14 -1.32
CA ILE E 79 11.53 -38.89 -2.42
C ILE E 79 11.08 -39.62 -3.68
N ASN E 80 10.63 -40.86 -3.53
CA ASN E 80 10.24 -41.64 -4.71
C ASN E 80 9.08 -41.00 -5.44
N SER E 81 8.06 -40.57 -4.70
CA SER E 81 6.91 -39.90 -5.33
C SER E 81 7.28 -38.51 -5.83
N ASP E 82 8.20 -37.83 -5.13
CA ASP E 82 8.59 -36.48 -5.50
C ASP E 82 10.08 -36.32 -5.17
N PHE E 83 10.92 -36.27 -6.21
CA PHE E 83 12.36 -36.19 -5.99
C PHE E 83 12.88 -34.86 -6.52
N ARG E 84 12.25 -33.79 -6.14
CA ARG E 84 12.74 -32.51 -6.61
C ARG E 84 13.95 -32.09 -5.77
N PRO E 85 14.97 -31.48 -6.36
CA PRO E 85 16.11 -31.07 -5.56
C PRO E 85 15.71 -30.26 -4.36
N SER E 86 14.60 -29.53 -4.44
CA SER E 86 14.12 -28.75 -3.32
C SER E 86 13.70 -29.65 -2.16
N VAL E 87 12.94 -30.71 -2.44
CA VAL E 87 12.49 -31.58 -1.37
C VAL E 87 13.65 -32.41 -0.83
N ILE E 88 14.62 -32.76 -1.68
CA ILE E 88 15.78 -33.50 -1.20
C ILE E 88 16.57 -32.63 -0.21
N LEU E 89 16.83 -31.38 -0.59
CA LEU E 89 17.52 -30.48 0.31
C LEU E 89 16.68 -30.20 1.56
N ALA E 90 15.36 -30.17 1.41
CA ALA E 90 14.49 -30.09 2.58
C ALA E 90 14.66 -31.32 3.46
N SER E 91 14.84 -32.48 2.84
CA SER E 91 15.08 -33.68 3.63
C SER E 91 16.41 -33.58 4.36
N ILE E 92 17.48 -33.23 3.64
CA ILE E 92 18.79 -33.08 4.27
C ILE E 92 18.72 -32.05 5.38
N SER E 93 18.02 -30.94 5.14
CA SER E 93 17.91 -29.89 6.14
C SER E 93 17.12 -30.37 7.36
N LEU E 94 15.98 -31.03 7.13
CA LEU E 94 15.27 -31.66 8.23
C LEU E 94 16.17 -32.63 8.97
N LEU E 95 16.83 -33.50 8.21
CA LEU E 95 17.69 -34.52 8.79
C LEU E 95 18.80 -33.89 9.62
N SER E 96 19.40 -32.80 9.13
CA SER E 96 20.42 -32.10 9.89
C SER E 96 19.85 -31.53 11.18
N ILE E 97 18.61 -31.02 11.15
CA ILE E 97 17.99 -30.46 12.35
C ILE E 97 17.71 -31.56 13.37
N ILE E 98 17.18 -32.69 12.94
CA ILE E 98 16.91 -33.78 13.87
C ILE E 98 18.19 -34.19 14.58
N ILE E 99 19.31 -34.22 13.85
CA ILE E 99 20.56 -34.69 14.42
C ILE E 99 20.98 -33.81 15.59
N LYS E 100 20.83 -32.50 15.46
CA LYS E 100 21.19 -31.60 16.55
C LYS E 100 20.21 -31.74 17.72
N LYS E 101 18.91 -31.87 17.42
CA LYS E 101 17.95 -32.10 18.48
C LYS E 101 18.27 -33.36 19.26
N LYS E 102 18.76 -34.40 18.57
CA LYS E 102 19.19 -35.60 19.29
C LYS E 102 20.27 -35.26 20.30
N LYS E 103 21.33 -34.58 19.86
CA LYS E 103 22.45 -34.31 20.75
C LYS E 103 22.05 -33.36 21.88
N ASP E 104 21.10 -32.46 21.61
CA ASP E 104 20.78 -31.40 22.57
C ASP E 104 19.58 -31.72 23.46
N GLU E 105 18.74 -32.69 23.09
CA GLU E 105 17.49 -32.91 23.82
C GLU E 105 17.20 -34.36 24.17
N ASN E 106 17.89 -35.34 23.61
CA ASN E 106 17.59 -36.75 23.88
C ASN E 106 18.20 -37.17 25.20
N ASN E 107 17.36 -37.70 26.10
CA ASN E 107 17.84 -38.25 27.36
C ASN E 107 18.24 -39.73 27.26
N GLU E 108 17.97 -40.38 26.14
CA GLU E 108 18.38 -41.76 25.94
C GLU E 108 18.98 -41.91 24.55
N VAL E 109 19.63 -43.05 24.32
CA VAL E 109 20.31 -43.32 23.06
C VAL E 109 19.46 -44.26 22.23
N VAL E 110 19.64 -44.19 20.92
CA VAL E 110 18.96 -45.09 19.98
C VAL E 110 19.89 -45.34 18.81
N ASP E 111 19.80 -46.54 18.25
CA ASP E 111 20.70 -47.00 17.20
C ASP E 111 20.05 -46.81 15.84
N ASP E 112 20.53 -45.81 15.10
CA ASP E 112 20.01 -45.49 13.77
C ASP E 112 21.12 -45.30 12.74
N ASP E 113 22.32 -45.84 13.01
CA ASP E 113 23.40 -45.78 12.02
C ASP E 113 22.94 -46.29 10.66
N LEU E 114 22.27 -47.45 10.65
CA LEU E 114 21.79 -48.00 9.38
C LEU E 114 20.77 -47.09 8.74
N ALA E 115 19.83 -46.58 9.55
CA ALA E 115 18.80 -45.68 9.04
C ALA E 115 19.40 -44.51 8.28
N LEU E 116 20.24 -43.73 8.94
CA LEU E 116 20.80 -42.53 8.32
C LEU E 116 21.60 -42.90 7.07
N ASN E 117 22.38 -43.98 7.14
CA ASN E 117 23.18 -44.39 6.00
C ASN E 117 22.31 -44.66 4.76
N GLU E 118 21.19 -45.36 4.95
CA GLU E 118 20.32 -45.65 3.81
C GLU E 118 19.83 -44.37 3.15
N LEU E 119 19.49 -43.37 3.96
CA LEU E 119 18.98 -42.11 3.42
C LEU E 119 20.04 -41.42 2.55
N ILE E 120 21.28 -41.35 3.04
CA ILE E 120 22.33 -40.66 2.30
C ILE E 120 22.62 -41.37 0.98
N ASN E 121 22.46 -42.69 0.96
CA ASN E 121 22.65 -43.43 -0.29
C ASN E 121 21.64 -43.00 -1.34
N LYS E 122 20.41 -42.71 -0.91
CA LYS E 122 19.38 -42.23 -1.83
C LYS E 122 19.76 -40.89 -2.44
N PHE E 123 20.30 -39.99 -1.62
CA PHE E 123 20.58 -38.62 -2.06
C PHE E 123 21.63 -38.55 -3.16
N SER E 124 22.52 -39.54 -3.27
CA SER E 124 23.66 -39.43 -4.17
C SER E 124 23.31 -39.66 -5.64
N SER E 125 22.24 -40.42 -5.94
CA SER E 125 21.75 -40.43 -7.31
C SER E 125 21.42 -39.02 -7.76
N TYR E 126 20.88 -38.22 -6.85
CA TYR E 126 20.53 -36.84 -7.07
C TYR E 126 21.72 -35.92 -6.87
N GLN E 127 22.93 -36.48 -6.83
CA GLN E 127 24.13 -35.66 -6.81
C GLN E 127 24.12 -34.70 -7.99
N LYS E 128 23.95 -35.26 -9.19
CA LYS E 128 23.84 -34.42 -10.38
C LYS E 128 22.68 -33.47 -10.27
N ASP E 129 21.52 -33.96 -9.79
CA ASP E 129 20.34 -33.11 -9.68
C ASP E 129 20.50 -32.08 -8.58
N ILE E 130 21.12 -32.46 -7.46
CA ILE E 130 21.29 -31.53 -6.34
C ILE E 130 22.20 -30.37 -6.73
N ILE E 131 23.39 -30.70 -7.25
CA ILE E 131 24.38 -29.66 -7.55
C ILE E 131 23.80 -28.57 -8.44
N SER E 132 22.95 -28.95 -9.39
CA SER E 132 22.33 -27.93 -10.21
C SER E 132 21.53 -26.98 -9.33
N PHE E 133 20.81 -27.53 -8.35
CA PHE E 133 19.97 -26.71 -7.47
C PHE E 133 20.84 -25.82 -6.58
N VAL E 134 21.80 -26.40 -5.89
CA VAL E 134 22.61 -25.63 -4.93
C VAL E 134 23.44 -24.57 -5.64
N GLU E 135 23.92 -24.86 -6.85
CA GLU E 135 24.70 -23.85 -7.59
C GLU E 135 23.83 -22.64 -7.88
N LYS E 136 22.58 -22.85 -8.26
CA LYS E 136 21.70 -21.74 -8.57
C LYS E 136 21.51 -20.86 -7.34
N ASN E 137 21.29 -21.48 -6.18
CA ASN E 137 21.15 -20.74 -4.93
C ASN E 137 22.53 -20.31 -4.44
N ASP F 4 -0.34 -46.23 7.80
CA ASP F 4 0.03 -45.54 6.58
C ASP F 4 -0.48 -44.09 6.62
N ALA F 5 -1.64 -43.90 7.26
CA ALA F 5 -2.11 -42.54 7.51
C ALA F 5 -1.01 -41.72 8.17
N SER F 6 -0.30 -42.31 9.14
CA SER F 6 0.77 -41.60 9.82
C SER F 6 1.87 -41.19 8.85
N THR F 7 2.21 -42.08 7.91
CA THR F 7 3.28 -41.79 6.96
C THR F 7 2.90 -40.67 6.00
N LYS F 8 1.69 -40.72 5.45
CA LYS F 8 1.25 -39.74 4.45
C LYS F 8 1.05 -38.35 5.04
N LYS F 9 0.72 -38.27 6.33
CA LYS F 9 0.49 -36.96 6.93
C LYS F 9 1.74 -36.06 6.83
N LEU F 10 2.91 -36.59 7.18
CA LEU F 10 4.10 -35.75 7.18
C LEU F 10 4.76 -35.66 5.81
N SER F 11 4.67 -36.72 4.99
CA SER F 11 5.19 -36.64 3.64
C SER F 11 4.62 -35.40 2.95
N GLU F 12 3.35 -35.11 3.20
CA GLU F 12 2.74 -33.91 2.63
C GLU F 12 3.43 -32.66 3.14
N CYS F 13 3.69 -32.59 4.45
CA CYS F 13 4.38 -31.44 5.00
C CYS F 13 5.74 -31.24 4.37
N LEU F 14 6.45 -32.34 4.08
CA LEU F 14 7.79 -32.24 3.53
C LEU F 14 7.78 -31.76 2.10
N LYS F 15 6.92 -32.34 1.25
CA LYS F 15 6.84 -31.89 -0.14
C LYS F 15 6.47 -30.41 -0.20
N ARG F 16 5.60 -29.96 0.71
CA ARG F 16 5.19 -28.56 0.71
C ARG F 16 6.37 -27.65 1.00
N ILE F 17 7.25 -28.04 1.90
CA ILE F 17 8.44 -27.24 2.21
C ILE F 17 9.30 -27.09 0.97
N GLY F 18 9.39 -28.14 0.15
CA GLY F 18 10.14 -28.04 -1.09
C GLY F 18 9.47 -27.13 -2.09
N ASP F 19 8.14 -27.21 -2.17
CA ASP F 19 7.39 -26.36 -3.10
C ASP F 19 7.61 -24.88 -2.79
N GLU F 20 7.49 -24.51 -1.52
CA GLU F 20 7.75 -23.12 -1.13
C GLU F 20 9.16 -22.71 -1.50
N LEU F 21 10.11 -23.64 -1.43
CA LEU F 21 11.50 -23.34 -1.75
C LEU F 21 11.69 -23.07 -3.23
N ASP F 22 11.08 -23.90 -4.10
CA ASP F 22 11.21 -23.67 -5.54
C ASP F 22 10.58 -22.34 -5.94
N SER F 23 9.38 -22.06 -5.44
CA SER F 23 8.70 -20.81 -5.77
C SER F 23 9.47 -19.61 -5.24
N ASN F 24 9.97 -19.71 -4.01
CA ASN F 24 10.64 -18.57 -3.39
C ASN F 24 11.82 -18.11 -4.23
N MET F 25 12.71 -19.03 -4.59
CA MET F 25 13.86 -18.64 -5.40
C MET F 25 13.49 -18.48 -6.86
N GLU F 26 12.39 -19.07 -7.31
CA GLU F 26 11.87 -18.63 -8.61
C GLU F 26 11.57 -17.14 -8.54
N LEU F 27 10.68 -16.74 -7.63
CA LEU F 27 10.19 -15.36 -7.57
C LEU F 27 11.20 -14.39 -6.97
N GLN F 28 12.42 -14.84 -6.69
CA GLN F 28 13.49 -13.95 -6.21
C GLN F 28 14.66 -13.95 -7.18
N ASN G 10 31.14 18.41 -38.84
CA ASN G 10 31.88 19.54 -38.27
C ASN G 10 31.53 19.74 -36.80
N TYR G 11 30.48 19.07 -36.34
CA TYR G 11 29.98 19.25 -34.99
C TYR G 11 28.96 18.15 -34.68
N ASN G 12 28.74 17.93 -33.40
CA ASN G 12 27.80 16.91 -32.92
C ASN G 12 26.87 17.54 -31.90
N ILE G 13 25.58 17.60 -32.24
CA ILE G 13 24.60 18.27 -31.38
C ILE G 13 24.45 17.51 -30.07
N GLU G 14 24.67 16.19 -30.10
CA GLU G 14 24.40 15.37 -28.93
C GLU G 14 25.31 15.78 -27.77
N LYS G 15 26.57 16.07 -28.07
CA LYS G 15 27.48 16.58 -27.03
C LYS G 15 27.03 17.95 -26.55
N VAL G 16 26.60 18.81 -27.47
CA VAL G 16 26.12 20.14 -27.10
C VAL G 16 24.93 20.05 -26.17
N LEU G 17 24.00 19.14 -26.47
CA LEU G 17 22.82 18.97 -25.62
C LEU G 17 23.19 18.36 -24.28
N ASN G 18 24.20 17.48 -24.24
CA ASN G 18 24.64 16.89 -22.99
C ASN G 18 25.28 17.92 -22.07
N VAL G 19 25.92 18.93 -22.65
CA VAL G 19 26.43 20.05 -21.85
C VAL G 19 25.27 20.85 -21.28
N TYR G 20 24.31 21.20 -22.14
CA TYR G 20 23.22 22.07 -21.72
C TYR G 20 22.34 21.38 -20.69
N LEU G 21 22.10 20.08 -20.85
CA LEU G 21 21.14 19.35 -20.03
C LEU G 21 21.80 18.46 -18.97
N ARG G 22 22.91 17.79 -19.30
CA ARG G 22 23.51 16.81 -18.40
C ARG G 22 24.77 17.32 -17.71
N ASP G 23 25.02 18.62 -17.74
CA ASP G 23 26.13 19.23 -17.00
C ASP G 23 27.46 18.58 -17.36
N LEU G 24 27.61 18.20 -18.62
CA LEU G 24 28.89 17.72 -19.11
C LEU G 24 29.85 18.91 -19.23
N ARG G 25 31.12 18.66 -18.95
CA ARG G 25 32.14 19.71 -19.02
C ARG G 25 32.07 20.44 -20.36
N ILE G 26 31.96 21.77 -20.29
CA ILE G 26 31.89 22.57 -21.51
C ILE G 26 33.18 22.46 -22.31
N GLU G 27 34.26 22.03 -21.68
CA GLU G 27 35.55 21.89 -22.36
C GLU G 27 35.55 20.76 -23.37
N SER G 28 34.51 19.92 -23.37
CA SER G 28 34.41 18.83 -24.35
C SER G 28 33.98 19.32 -25.72
N LEU G 29 33.64 20.60 -25.87
CA LEU G 29 33.12 21.14 -27.11
C LEU G 29 34.23 21.86 -27.88
N ASN G 30 34.20 21.72 -29.20
CA ASN G 30 35.05 22.54 -30.05
C ASN G 30 34.36 23.90 -30.28
N ASN G 31 34.99 24.76 -31.09
CA ASN G 31 34.45 26.09 -31.30
C ASN G 31 33.07 26.05 -31.95
N ASN G 32 32.92 25.24 -33.01
CA ASN G 32 31.62 25.13 -33.66
C ASN G 32 30.55 24.69 -32.68
N GLU G 33 30.80 23.60 -31.95
CA GLU G 33 29.82 23.13 -30.98
C GLU G 33 29.58 24.17 -29.90
N LEU G 34 30.61 24.99 -29.63
CA LEU G 34 30.47 26.04 -28.64
C LEU G 34 29.56 27.16 -29.18
N GLU G 35 29.74 27.54 -30.45
CA GLU G 35 28.83 28.51 -31.06
C GLU G 35 27.40 28.02 -31.02
N ILE G 36 27.18 26.74 -31.34
CA ILE G 36 25.86 26.15 -31.31
C ILE G 36 25.26 26.24 -29.92
N LEU G 37 26.07 26.00 -28.89
CA LEU G 37 25.59 26.06 -27.52
C LEU G 37 24.99 27.43 -27.19
N ILE G 38 25.69 28.51 -27.54
CA ILE G 38 25.17 29.85 -27.27
C ILE G 38 23.78 30.01 -27.88
N MET G 39 23.62 29.61 -29.14
CA MET G 39 22.33 29.79 -29.79
C MET G 39 21.25 28.97 -29.07
N ILE G 40 21.55 27.72 -28.74
CA ILE G 40 20.60 26.89 -28.01
C ILE G 40 20.31 27.51 -26.65
N ARG G 41 21.35 27.94 -25.95
CA ARG G 41 21.15 28.55 -24.63
C ARG G 41 20.27 29.78 -24.75
N GLU G 42 20.59 30.66 -25.70
CA GLU G 42 19.83 31.89 -25.86
C GLU G 42 18.42 31.61 -26.38
N CYS G 43 18.33 30.80 -27.45
CA CYS G 43 17.01 30.51 -28.02
CA CYS G 43 17.02 30.49 -28.02
C CYS G 43 16.12 29.80 -27.01
N CYS G 44 16.67 28.84 -26.27
CA CYS G 44 15.87 28.13 -25.28
C CYS G 44 15.58 29.02 -24.08
N GLU G 45 16.44 29.98 -23.78
CA GLU G 45 16.21 30.86 -22.64
C GLU G 45 14.96 31.69 -22.85
N VAL G 46 14.74 32.16 -24.08
CA VAL G 46 13.54 32.92 -24.41
C VAL G 46 12.31 32.01 -24.36
N ILE G 47 12.41 30.81 -24.93
CA ILE G 47 11.28 29.89 -24.93
C ILE G 47 10.86 29.56 -23.49
N LYS G 48 11.84 29.38 -22.60
CA LYS G 48 11.50 29.01 -21.22
C LYS G 48 10.74 30.12 -20.51
N LYS G 49 11.02 31.38 -20.84
CA LYS G 49 10.37 32.50 -20.17
C LYS G 49 9.04 32.87 -20.81
N ASP G 50 9.00 32.98 -22.14
CA ASP G 50 7.77 33.40 -22.82
C ASP G 50 6.61 32.47 -22.48
N TYR G 51 6.87 31.17 -22.40
CA TYR G 51 5.83 30.17 -22.16
C TYR G 51 5.99 29.50 -20.80
N LYS G 52 6.50 30.25 -19.81
CA LYS G 52 6.69 29.71 -18.46
C LYS G 52 5.40 29.15 -17.89
N THR G 53 4.28 29.86 -18.07
CA THR G 53 3.03 29.42 -17.46
C THR G 53 2.63 28.04 -17.97
N GLU G 54 2.78 27.80 -19.27
CA GLU G 54 2.37 26.52 -19.85
C GLU G 54 3.30 25.39 -19.43
N PHE G 55 4.60 25.66 -19.35
CA PHE G 55 5.55 24.66 -18.86
C PHE G 55 5.23 24.26 -17.43
N ASN G 56 4.96 25.24 -16.57
CA ASN G 56 4.61 24.94 -15.18
C ASN G 56 3.40 24.03 -15.11
N GLU G 57 2.40 24.24 -15.98
CA GLU G 57 1.27 23.33 -16.02
C GLU G 57 1.74 21.90 -16.25
N ILE G 58 2.72 21.70 -17.12
CA ILE G 58 3.30 20.37 -17.32
C ILE G 58 4.06 19.93 -16.08
N CYS G 59 4.97 20.78 -15.59
CA CYS G 59 5.73 20.42 -14.40
C CYS G 59 4.81 20.21 -13.21
N ASN G 60 3.81 21.08 -13.06
CA ASN G 60 2.83 20.87 -12.00
C ASN G 60 2.04 19.59 -12.24
N PHE G 61 1.88 19.19 -13.50
CA PHE G 61 1.15 17.95 -13.78
C PHE G 61 1.94 16.73 -13.36
N ILE G 62 3.21 16.65 -13.80
CA ILE G 62 4.03 15.47 -13.54
C ILE G 62 4.32 15.32 -12.06
N LEU G 63 4.45 16.43 -11.32
CA LEU G 63 4.80 16.35 -9.91
C LEU G 63 3.76 15.55 -9.11
N GLN G 64 2.49 15.96 -9.18
CA GLN G 64 1.48 15.29 -8.36
C GLN G 64 1.11 13.91 -8.92
N ASN G 65 1.47 13.61 -10.16
CA ASN G 65 1.21 12.29 -10.73
C ASN G 65 2.40 11.37 -10.57
N ASN G 66 3.42 11.84 -9.86
CA ASN G 66 4.58 11.03 -9.51
C ASN G 66 4.37 10.46 -8.11
N VAL G 67 4.56 9.15 -7.98
CA VAL G 67 4.22 8.48 -6.72
C VAL G 67 5.07 9.01 -5.57
N LYS G 68 6.29 9.47 -5.86
CA LYS G 68 7.22 9.93 -4.84
C LYS G 68 7.19 11.44 -4.64
N SER G 69 6.25 12.15 -5.28
CA SER G 69 6.17 13.60 -5.18
C SER G 69 7.50 14.23 -5.60
N CYS G 70 8.01 13.76 -6.73
CA CYS G 70 9.26 14.26 -7.28
C CYS G 70 9.11 14.45 -8.79
N TYR G 71 9.92 15.35 -9.35
CA TYR G 71 10.01 15.49 -10.79
C TYR G 71 10.87 14.35 -11.33
N ASP G 72 10.30 13.55 -12.24
CA ASP G 72 10.98 12.39 -12.79
C ASP G 72 10.81 12.40 -14.30
N ILE G 73 11.93 12.40 -15.02
CA ILE G 73 11.89 12.44 -16.48
C ILE G 73 11.29 11.17 -17.08
N ASN G 74 11.27 10.06 -16.34
CA ASN G 74 10.64 8.86 -16.86
C ASN G 74 9.16 9.11 -17.14
N ASP G 75 8.51 9.95 -16.34
CA ASP G 75 7.12 10.28 -16.56
C ASP G 75 6.95 11.02 -17.88
N VAL G 76 7.79 12.04 -18.11
CA VAL G 76 7.66 12.88 -19.31
C VAL G 76 8.29 12.28 -20.55
N LYS G 77 9.07 11.20 -20.41
CA LYS G 77 9.74 10.62 -21.57
C LYS G 77 8.73 10.13 -22.60
N ASN G 78 7.79 9.28 -22.16
CA ASN G 78 6.83 8.69 -23.09
C ASN G 78 6.05 9.77 -23.82
N ILE G 79 5.79 10.90 -23.17
CA ILE G 79 5.02 11.96 -23.81
C ILE G 79 5.85 12.61 -24.91
N ILE G 80 7.12 12.92 -24.63
CA ILE G 80 7.93 13.70 -25.56
C ILE G 80 8.17 12.93 -26.85
N ILE G 81 8.65 11.68 -26.75
CA ILE G 81 8.96 10.93 -27.96
C ILE G 81 7.71 10.79 -28.83
N GLU G 82 6.56 10.51 -28.22
CA GLU G 82 5.34 10.42 -29.01
C GLU G 82 5.02 11.76 -29.66
N THR G 83 5.18 12.86 -28.92
CA THR G 83 4.94 14.17 -29.49
C THR G 83 5.83 14.41 -30.70
N ILE G 84 7.11 14.03 -30.58
CA ILE G 84 8.09 14.30 -31.63
C ILE G 84 7.83 13.44 -32.85
N ASN G 85 7.52 12.15 -32.66
CA ASN G 85 7.30 11.29 -33.82
C ASN G 85 6.14 11.81 -34.67
N SER G 86 5.02 12.15 -34.02
CA SER G 86 3.88 12.69 -34.76
C SER G 86 4.15 14.12 -35.23
N ASP G 87 4.88 14.90 -34.44
CA ASP G 87 5.18 16.29 -34.80
C ASP G 87 6.54 16.66 -34.22
N PHE G 88 7.55 16.80 -35.09
CA PHE G 88 8.92 17.04 -34.64
C PHE G 88 9.46 18.40 -35.10
N ARG G 89 8.62 19.27 -35.64
CA ARG G 89 9.04 20.61 -36.06
C ARG G 89 10.14 21.13 -35.15
N PRO G 90 11.15 21.82 -35.68
CA PRO G 90 12.22 22.30 -34.79
C PRO G 90 11.71 23.08 -33.59
N SER G 91 10.59 23.79 -33.71
CA SER G 91 10.07 24.52 -32.57
C SER G 91 9.60 23.58 -31.47
N VAL G 92 8.90 22.51 -31.82
CA VAL G 92 8.41 21.60 -30.79
C VAL G 92 9.56 20.83 -30.15
N ILE G 93 10.63 20.57 -30.90
CA ILE G 93 11.81 19.95 -30.30
C ILE G 93 12.45 20.89 -29.26
N LEU G 94 12.62 22.17 -29.63
CA LEU G 94 13.18 23.12 -28.69
C LEU G 94 12.27 23.29 -27.48
N ALA G 95 10.96 23.18 -27.66
CA ALA G 95 10.07 23.14 -26.51
C ALA G 95 10.37 21.91 -25.67
N SER G 96 10.69 20.78 -26.31
CA SER G 96 11.05 19.58 -25.57
C SER G 96 12.34 19.79 -24.81
N ILE G 97 13.38 20.30 -25.48
CA ILE G 97 14.64 20.60 -24.80
C ILE G 97 14.40 21.59 -23.66
N SER G 98 13.56 22.59 -23.91
CA SER G 98 13.28 23.59 -22.90
C SER G 98 12.53 23.00 -21.72
N LEU G 99 11.50 22.18 -21.99
CA LEU G 99 10.80 21.51 -20.91
C LEU G 99 11.76 20.73 -20.04
N LEU G 100 12.62 19.92 -20.67
CA LEU G 100 13.57 19.11 -19.90
C LEU G 100 14.50 20.01 -19.08
N SER G 101 14.98 21.11 -19.66
CA SER G 101 15.85 22.01 -18.92
C SER G 101 15.14 22.59 -17.71
N ILE G 102 13.85 22.90 -17.83
CA ILE G 102 13.10 23.40 -16.68
C ILE G 102 12.94 22.28 -15.65
N ILE G 103 12.57 21.09 -16.10
CA ILE G 103 12.40 19.96 -15.20
C ILE G 103 13.71 19.69 -14.46
N ILE G 104 14.84 19.80 -15.15
CA ILE G 104 16.13 19.50 -14.53
C ILE G 104 16.40 20.44 -13.37
N LYS G 105 16.13 21.74 -13.55
CA LYS G 105 16.37 22.69 -12.47
C LYS G 105 15.35 22.52 -11.35
N LYS G 106 14.07 22.35 -11.71
CA LYS G 106 13.06 22.09 -10.68
C LYS G 106 13.36 20.80 -9.95
N LYS G 107 13.87 19.80 -10.65
CA LYS G 107 14.29 18.56 -10.01
C LYS G 107 15.36 18.84 -8.97
N LYS G 108 16.42 19.55 -9.36
CA LYS G 108 17.52 19.84 -8.45
C LYS G 108 17.09 20.74 -7.30
N ASP G 109 16.13 21.63 -7.53
CA ASP G 109 15.82 22.67 -6.55
C ASP G 109 14.68 22.30 -5.62
N GLU G 110 13.85 21.31 -5.97
CA GLU G 110 12.64 21.02 -5.20
C GLU G 110 12.46 19.56 -4.83
N ASN G 111 13.22 18.63 -5.41
CA ASN G 111 13.05 17.21 -5.09
C ASN G 111 13.76 16.91 -3.79
N ASN G 112 13.01 16.37 -2.81
CA ASN G 112 13.57 15.93 -1.54
C ASN G 112 14.05 14.49 -1.59
N GLU G 113 13.79 13.79 -2.68
CA GLU G 113 14.25 12.42 -2.87
C GLU G 113 14.94 12.30 -4.23
N VAL G 114 15.52 11.14 -4.46
CA VAL G 114 16.37 10.92 -5.61
C VAL G 114 15.59 10.23 -6.72
N VAL G 115 16.07 10.40 -7.95
CA VAL G 115 15.43 9.84 -9.13
C VAL G 115 16.50 9.35 -10.09
N ASP G 116 16.26 8.19 -10.70
CA ASP G 116 17.15 7.61 -11.70
C ASP G 116 16.48 7.75 -13.06
N ASP G 117 16.96 8.73 -13.85
CA ASP G 117 16.41 8.94 -15.19
C ASP G 117 17.52 9.13 -16.22
N ASP G 118 18.74 8.71 -15.91
CA ASP G 118 19.83 8.79 -16.87
C ASP G 118 19.45 8.14 -18.19
N LEU G 119 18.89 6.93 -18.14
CA LEU G 119 18.54 6.21 -19.35
C LEU G 119 17.45 6.93 -20.13
N ALA G 120 16.39 7.36 -19.43
CA ALA G 120 15.32 8.10 -20.08
C ALA G 120 15.87 9.31 -20.82
N LEU G 121 16.60 10.17 -20.10
CA LEU G 121 17.10 11.40 -20.69
C LEU G 121 17.99 11.12 -21.89
N ASN G 122 18.89 10.13 -21.76
CA ASN G 122 19.82 9.84 -22.85
C ASN G 122 19.09 9.48 -24.14
N GLU G 123 18.07 8.63 -24.05
CA GLU G 123 17.31 8.27 -25.26
C GLU G 123 16.67 9.51 -25.89
N LEU G 124 16.17 10.44 -25.07
CA LEU G 124 15.54 11.63 -25.60
C LEU G 124 16.53 12.47 -26.41
N ILE G 125 17.74 12.65 -25.90
CA ILE G 125 18.72 13.47 -26.61
C ILE G 125 19.13 12.81 -27.91
N ASN G 126 19.15 11.47 -27.95
CA ASN G 126 19.41 10.79 -29.22
C ASN G 126 18.31 11.10 -30.23
N LYS G 127 17.07 11.24 -29.74
CA LYS G 127 15.99 11.62 -30.64
C LYS G 127 16.23 13.02 -31.20
N PHE G 128 16.66 13.95 -30.35
CA PHE G 128 16.85 15.33 -30.82
C PHE G 128 17.97 15.43 -31.84
N SER G 129 18.98 14.56 -31.76
CA SER G 129 20.16 14.68 -32.61
C SER G 129 19.90 14.19 -34.02
N SER G 130 18.92 13.31 -34.19
CA SER G 130 18.42 13.01 -35.53
C SER G 130 17.99 14.29 -36.22
N TYR G 131 17.33 15.17 -35.47
CA TYR G 131 16.85 16.47 -35.91
C TYR G 131 17.89 17.57 -35.75
N GLN G 132 19.17 17.21 -35.59
CA GLN G 132 20.21 18.22 -35.51
C GLN G 132 20.15 19.20 -36.66
N LYS G 133 20.12 18.68 -37.90
CA LYS G 133 20.10 19.55 -39.06
C LYS G 133 18.92 20.50 -39.02
N ASP G 134 17.74 19.98 -38.66
CA ASP G 134 16.55 20.84 -38.59
C ASP G 134 16.67 21.81 -37.42
N ILE G 135 17.25 21.36 -36.31
CA ILE G 135 17.41 22.23 -35.15
C ILE G 135 18.36 23.38 -35.48
N ILE G 136 19.53 23.05 -36.03
CA ILE G 136 20.54 24.07 -36.33
C ILE G 136 19.96 25.17 -37.20
N SER G 137 19.15 24.80 -38.18
CA SER G 137 18.53 25.80 -39.04
C SER G 137 17.62 26.72 -38.25
N PHE G 138 16.83 26.15 -37.34
CA PHE G 138 15.87 26.94 -36.58
C PHE G 138 16.55 27.94 -35.66
N VAL G 139 17.50 27.48 -34.86
CA VAL G 139 18.11 28.37 -33.86
C VAL G 139 18.83 29.52 -34.53
N GLU G 140 19.43 29.26 -35.70
CA GLU G 140 20.15 30.33 -36.40
C GLU G 140 19.20 31.44 -36.85
N LYS G 141 18.00 31.08 -37.32
CA LYS G 141 17.03 32.08 -37.72
C LYS G 141 16.65 32.99 -36.56
N ASN G 142 16.36 32.40 -35.40
CA ASN G 142 15.97 33.19 -34.25
C ASN G 142 17.13 34.05 -33.75
N LYS G 143 18.37 33.62 -34.01
CA LYS G 143 19.52 34.50 -33.79
C LYS G 143 19.44 35.73 -34.70
N LYS G 144 18.90 35.56 -35.91
CA LYS G 144 18.69 36.68 -36.81
C LYS G 144 17.50 37.52 -36.35
N ALA H 5 -4.96 8.89 -24.13
CA ALA H 5 -4.45 8.39 -22.85
C ALA H 5 -3.80 9.54 -22.07
N SER H 6 -3.14 9.19 -20.96
CA SER H 6 -2.44 10.20 -20.17
C SER H 6 -1.40 10.91 -21.01
N THR H 7 -0.79 10.20 -21.96
CA THR H 7 0.27 10.74 -22.78
C THR H 7 -0.20 11.94 -23.60
N LYS H 8 -1.35 11.81 -24.26
CA LYS H 8 -1.83 12.87 -25.13
C LYS H 8 -2.30 14.09 -24.35
N LYS H 9 -2.43 13.98 -23.03
CA LYS H 9 -2.84 15.12 -22.22
C LYS H 9 -1.87 16.28 -22.43
N LEU H 10 -0.57 15.98 -22.37
CA LEU H 10 0.51 16.94 -22.50
C LEU H 10 0.97 17.15 -23.93
N SER H 11 0.89 16.11 -24.77
CA SER H 11 1.37 16.22 -26.14
C SER H 11 0.73 17.39 -26.87
N GLU H 12 -0.59 17.58 -26.71
CA GLU H 12 -1.26 18.70 -27.36
C GLU H 12 -0.73 20.03 -26.81
N CYS H 13 -0.61 20.13 -25.49
CA CYS H 13 -0.06 21.35 -24.89
C CYS H 13 1.35 21.63 -25.39
N LEU H 14 2.15 20.58 -25.59
CA LEU H 14 3.56 20.78 -25.92
C LEU H 14 3.76 21.32 -27.34
N LYS H 15 3.14 20.67 -28.33
CA LYS H 15 3.29 21.12 -29.71
C LYS H 15 2.72 22.52 -29.90
N ARG H 16 1.62 22.84 -29.21
CA ARG H 16 1.03 24.16 -29.35
C ARG H 16 2.03 25.22 -28.93
N ILE H 17 2.84 24.94 -27.91
CA ILE H 17 3.91 25.85 -27.53
C ILE H 17 4.85 26.05 -28.71
N GLY H 18 5.08 24.99 -29.49
CA GLY H 18 5.87 25.12 -30.70
C GLY H 18 5.13 25.89 -31.78
N ASP H 19 3.83 25.64 -31.92
CA ASP H 19 3.04 26.36 -32.91
C ASP H 19 3.06 27.86 -32.63
N GLU H 20 2.88 28.25 -31.37
CA GLU H 20 2.99 29.65 -31.00
C GLU H 20 4.38 30.18 -31.32
N LEU H 21 5.40 29.34 -31.19
CA LEU H 21 6.76 29.75 -31.51
C LEU H 21 6.94 29.92 -33.02
N ASP H 22 6.39 28.99 -33.81
CA ASP H 22 6.46 29.13 -35.26
C ASP H 22 5.70 30.36 -35.72
N SER H 23 4.50 30.58 -35.18
CA SER H 23 3.72 31.76 -35.57
C SER H 23 4.46 33.04 -35.21
N ASN H 24 5.03 33.10 -34.00
CA ASN H 24 5.79 34.27 -33.60
C ASN H 24 6.99 34.49 -34.53
N MET H 25 7.77 33.43 -34.77
CA MET H 25 8.94 33.53 -35.64
C MET H 25 8.61 34.21 -36.95
N GLU H 26 7.51 33.79 -37.60
CA GLU H 26 7.13 34.37 -38.89
C GLU H 26 6.65 35.80 -38.74
N LEU H 27 5.71 36.03 -37.82
CA LEU H 27 5.08 37.34 -37.68
C LEU H 27 6.00 38.39 -37.10
N GLN H 28 7.20 38.02 -36.64
CA GLN H 28 8.17 39.02 -36.19
C GLN H 28 9.39 39.04 -37.12
N ASN I 5 -35.24 -37.00 7.53
CA ASN I 5 -33.79 -37.02 7.35
C ASN I 5 -33.25 -35.60 7.20
N TYR I 6 -33.68 -34.72 8.12
CA TYR I 6 -33.33 -33.31 8.07
C TYR I 6 -33.73 -32.66 9.40
N ASN I 7 -33.09 -31.54 9.71
CA ASN I 7 -33.33 -30.81 10.94
C ASN I 7 -33.56 -29.34 10.62
N ILE I 8 -34.76 -28.85 10.88
CA ILE I 8 -35.11 -27.49 10.51
C ILE I 8 -34.33 -26.49 11.34
N GLU I 9 -33.96 -26.86 12.57
CA GLU I 9 -33.34 -25.89 13.47
C GLU I 9 -32.02 -25.39 12.91
N LYS I 10 -31.24 -26.27 12.29
CA LYS I 10 -30.03 -25.82 11.61
C LYS I 10 -30.37 -24.90 10.45
N VAL I 11 -31.45 -25.21 9.73
CA VAL I 11 -31.89 -24.34 8.64
C VAL I 11 -32.27 -22.96 9.17
N LEU I 12 -32.98 -22.92 10.31
CA LEU I 12 -33.36 -21.63 10.88
C LEU I 12 -32.16 -20.91 11.48
N ASN I 13 -31.21 -21.65 12.07
CA ASN I 13 -30.03 -21.01 12.64
C ASN I 13 -29.15 -20.41 11.56
N VAL I 14 -29.10 -21.02 10.37
CA VAL I 14 -28.40 -20.41 9.24
C VAL I 14 -29.14 -19.16 8.79
N TYR I 15 -30.47 -19.27 8.65
CA TYR I 15 -31.26 -18.17 8.12
C TYR I 15 -31.27 -16.98 9.07
N LEU I 16 -31.35 -17.23 10.38
CA LEU I 16 -31.51 -16.18 11.38
C LEU I 16 -30.23 -15.84 12.14
N ARG I 17 -29.42 -16.84 12.47
CA ARG I 17 -28.24 -16.62 13.31
C ARG I 17 -26.93 -16.65 12.53
N ASP I 18 -27.00 -16.54 11.20
CA ASP I 18 -25.79 -16.44 10.38
C ASP I 18 -24.83 -17.60 10.64
N LEU I 19 -25.41 -18.79 10.88
CA LEU I 19 -24.61 -20.00 10.99
C LEU I 19 -24.05 -20.37 9.62
N ARG I 20 -22.81 -20.88 9.62
CA ARG I 20 -22.16 -21.26 8.37
C ARG I 20 -23.06 -22.19 7.56
N ILE I 21 -23.27 -21.85 6.29
CA ILE I 21 -24.16 -22.61 5.42
C ILE I 21 -23.70 -24.05 5.23
N GLU I 22 -22.41 -24.34 5.46
CA GLU I 22 -21.86 -25.67 5.24
C GLU I 22 -22.36 -26.70 6.25
N SER I 23 -23.06 -26.29 7.30
CA SER I 23 -23.58 -27.24 8.28
C SER I 23 -24.80 -27.98 7.77
N LEU I 24 -25.32 -27.63 6.60
CA LEU I 24 -26.54 -28.21 6.08
C LEU I 24 -26.23 -29.28 5.05
N ASN I 25 -27.02 -30.35 5.05
CA ASN I 25 -26.97 -31.35 3.99
C ASN I 25 -27.83 -30.90 2.81
N ASN I 26 -27.93 -31.76 1.79
CA ASN I 26 -28.65 -31.39 0.58
C ASN I 26 -30.12 -31.09 0.86
N ASN I 27 -30.79 -31.96 1.63
CA ASN I 27 -32.18 -31.70 1.98
C ASN I 27 -32.33 -30.38 2.73
N GLU I 28 -31.55 -30.19 3.79
CA GLU I 28 -31.67 -28.98 4.60
C GLU I 28 -31.36 -27.73 3.78
N LEU I 29 -30.54 -27.85 2.74
CA LEU I 29 -30.28 -26.70 1.87
C LEU I 29 -31.52 -26.35 1.06
N GLU I 30 -32.19 -27.36 0.49
CA GLU I 30 -33.44 -27.11 -0.22
C GLU I 30 -34.47 -26.47 0.69
N ILE I 31 -34.59 -26.98 1.93
CA ILE I 31 -35.52 -26.39 2.88
C ILE I 31 -35.20 -24.94 3.14
N LEU I 32 -33.91 -24.60 3.22
CA LEU I 32 -33.52 -23.21 3.43
C LEU I 32 -34.06 -22.31 2.32
N ILE I 33 -33.86 -22.71 1.07
CA ILE I 33 -34.37 -21.92 -0.05
C ILE I 33 -35.88 -21.73 0.09
N MET I 34 -36.60 -22.81 0.42
CA MET I 34 -38.04 -22.73 0.53
C MET I 34 -38.46 -21.78 1.65
N ILE I 35 -37.86 -21.93 2.83
CA ILE I 35 -38.17 -21.03 3.94
C ILE I 35 -37.76 -19.60 3.58
N ARG I 36 -36.57 -19.45 2.99
CA ARG I 36 -36.09 -18.12 2.63
C ARG I 36 -37.06 -17.44 1.66
N GLU I 37 -37.50 -18.17 0.63
CA GLU I 37 -38.38 -17.57 -0.36
C GLU I 37 -39.76 -17.27 0.22
N CYS I 38 -40.34 -18.22 0.96
CA CYS I 38 -41.66 -18.01 1.53
C CYS I 38 -41.65 -16.84 2.50
N CYS I 39 -40.66 -16.79 3.39
CA CYS I 39 -40.56 -15.67 4.32
C CYS I 39 -40.26 -14.37 3.60
N GLU I 40 -39.55 -14.42 2.47
CA GLU I 40 -39.24 -13.20 1.75
C GLU I 40 -40.52 -12.55 1.21
N VAL I 41 -41.46 -13.37 0.74
CA VAL I 41 -42.74 -12.86 0.27
C VAL I 41 -43.54 -12.28 1.42
N ILE I 42 -43.58 -12.99 2.55
CA ILE I 42 -44.30 -12.49 3.72
C ILE I 42 -43.74 -11.14 4.14
N LYS I 43 -42.41 -11.00 4.11
CA LYS I 43 -41.79 -9.75 4.52
C LYS I 43 -42.15 -8.60 3.59
N LYS I 44 -42.39 -8.90 2.31
CA LYS I 44 -42.69 -7.84 1.35
C LYS I 44 -44.17 -7.49 1.36
N ASP I 45 -45.04 -8.51 1.28
CA ASP I 45 -46.47 -8.27 1.22
C ASP I 45 -46.97 -7.48 2.42
N TYR I 46 -46.45 -7.79 3.61
CA TYR I 46 -46.89 -7.17 4.85
C TYR I 46 -45.80 -6.28 5.45
N LYS I 47 -44.99 -5.66 4.60
CA LYS I 47 -43.92 -4.78 5.07
C LYS I 47 -44.48 -3.70 5.98
N THR I 48 -45.60 -3.09 5.60
CA THR I 48 -46.15 -2.00 6.38
C THR I 48 -46.51 -2.43 7.80
N GLU I 49 -47.12 -3.61 7.94
CA GLU I 49 -47.55 -4.06 9.25
C GLU I 49 -46.36 -4.46 10.12
N PHE I 50 -45.35 -5.09 9.51
CA PHE I 50 -44.13 -5.42 10.27
C PHE I 50 -43.48 -4.15 10.81
N ASN I 51 -43.36 -3.12 9.97
CA ASN I 51 -42.75 -1.86 10.41
C ASN I 51 -43.51 -1.29 11.60
N GLU I 52 -44.85 -1.35 11.57
CA GLU I 52 -45.63 -0.91 12.72
C GLU I 52 -45.24 -1.67 13.98
N ILE I 53 -45.00 -2.97 13.86
CA ILE I 53 -44.51 -3.76 14.99
C ILE I 53 -43.10 -3.33 15.39
N CYS I 54 -42.20 -3.21 14.42
CA CYS I 54 -40.83 -2.82 14.73
C CYS I 54 -40.77 -1.43 15.34
N ASN I 55 -41.54 -0.48 14.79
CA ASN I 55 -41.56 0.87 15.33
C ASN I 55 -42.09 0.90 16.76
N PHE I 56 -42.93 -0.08 17.11
CA PHE I 56 -43.50 -0.11 18.45
C PHE I 56 -42.45 -0.50 19.49
N ILE I 57 -41.71 -1.60 19.26
CA ILE I 57 -40.77 -2.05 20.28
C ILE I 57 -39.61 -1.07 20.39
N LEU I 58 -39.22 -0.45 19.29
CA LEU I 58 -38.14 0.54 19.32
C LEU I 58 -38.49 1.69 20.25
N GLN I 59 -39.71 2.22 20.13
CA GLN I 59 -40.09 3.36 20.95
C GLN I 59 -40.23 3.01 22.43
N ASN I 60 -40.38 1.72 22.77
CA ASN I 60 -40.42 1.29 24.16
C ASN I 60 -39.11 0.65 24.61
N ASN I 61 -38.08 0.67 23.76
CA ASN I 61 -36.78 0.15 24.15
C ASN I 61 -35.96 1.31 24.70
N VAL I 62 -35.40 1.12 25.89
CA VAL I 62 -34.75 2.23 26.60
C VAL I 62 -33.57 2.77 25.80
N LYS I 63 -32.92 1.92 25.01
CA LYS I 63 -31.74 2.32 24.27
C LYS I 63 -32.05 2.70 22.82
N SER I 64 -33.33 2.80 22.45
CA SER I 64 -33.69 3.11 21.07
C SER I 64 -33.08 2.06 20.14
N CYS I 65 -33.24 0.79 20.52
CA CYS I 65 -32.69 -0.33 19.78
C CYS I 65 -33.72 -1.42 19.62
N TYR I 66 -33.56 -2.20 18.56
CA TYR I 66 -34.35 -3.41 18.37
C TYR I 66 -33.75 -4.51 19.24
N ASP I 67 -34.57 -5.11 20.10
CA ASP I 67 -34.13 -6.12 21.05
C ASP I 67 -35.07 -7.30 20.97
N ILE I 68 -34.54 -8.48 20.65
CA ILE I 68 -35.39 -9.65 20.52
C ILE I 68 -35.98 -10.03 21.87
N ASN I 69 -35.37 -9.59 22.97
CA ASN I 69 -35.99 -9.81 24.28
C ASN I 69 -37.35 -9.15 24.37
N ASP I 70 -37.53 -8.04 23.65
CA ASP I 70 -38.83 -7.36 23.68
C ASP I 70 -39.90 -8.25 23.08
N VAL I 71 -39.67 -8.77 21.87
CA VAL I 71 -40.68 -9.58 21.17
C VAL I 71 -40.68 -11.03 21.62
N LYS I 72 -39.72 -11.44 22.46
CA LYS I 72 -39.63 -12.84 22.87
C LYS I 72 -40.90 -13.28 23.57
N ASN I 73 -41.30 -12.58 24.63
CA ASN I 73 -42.51 -12.95 25.35
C ASN I 73 -43.75 -12.84 24.47
N ILE I 74 -43.74 -11.90 23.51
CA ILE I 74 -44.90 -11.70 22.65
C ILE I 74 -45.06 -12.88 21.72
N ILE I 75 -43.97 -13.33 21.10
CA ILE I 75 -44.05 -14.39 20.10
C ILE I 75 -44.45 -15.72 20.75
N ILE I 76 -43.74 -16.13 21.80
CA ILE I 76 -44.02 -17.43 22.40
C ILE I 76 -45.47 -17.51 22.87
N GLU I 77 -45.97 -16.43 23.48
CA GLU I 77 -47.37 -16.43 23.91
C GLU I 77 -48.32 -16.51 22.71
N THR I 78 -48.02 -15.79 21.64
CA THR I 78 -48.86 -15.82 20.45
C THR I 78 -48.97 -17.22 19.87
N ILE I 79 -47.86 -17.95 19.81
CA ILE I 79 -47.85 -19.25 19.15
C ILE I 79 -48.64 -20.28 19.95
N ASN I 80 -48.49 -20.28 21.27
CA ASN I 80 -49.19 -21.27 22.09
C ASN I 80 -50.70 -21.12 21.94
N SER I 81 -51.20 -19.89 22.05
CA SER I 81 -52.64 -19.64 21.92
C SER I 81 -53.12 -19.83 20.48
N ASP I 82 -52.25 -19.54 19.50
CA ASP I 82 -52.59 -19.65 18.08
C ASP I 82 -51.31 -20.12 17.39
N PHE I 83 -51.32 -21.35 16.88
CA PHE I 83 -50.11 -22.00 16.38
C PHE I 83 -50.13 -22.24 14.88
N ARG I 84 -51.13 -21.72 14.16
CA ARG I 84 -51.20 -21.90 12.71
C ARG I 84 -49.82 -21.74 12.08
N PRO I 85 -49.43 -22.58 11.11
CA PRO I 85 -48.11 -22.38 10.49
C PRO I 85 -47.91 -20.98 9.92
N SER I 86 -48.98 -20.30 9.53
CA SER I 86 -48.85 -18.95 8.99
C SER I 86 -48.30 -17.99 10.04
N VAL I 87 -48.81 -18.05 11.27
CA VAL I 87 -48.32 -17.13 12.29
C VAL I 87 -46.89 -17.50 12.67
N ILE I 88 -46.54 -18.78 12.59
CA ILE I 88 -45.17 -19.20 12.86
C ILE I 88 -44.23 -18.61 11.82
N LEU I 89 -44.58 -18.76 10.55
CA LEU I 89 -43.75 -18.19 9.51
C LEU I 89 -43.78 -16.67 9.56
N ALA I 90 -44.91 -16.08 9.95
CA ALA I 90 -44.95 -14.64 10.17
C ALA I 90 -44.01 -14.24 11.29
N SER I 91 -43.91 -15.08 12.33
CA SER I 91 -42.95 -14.80 13.41
C SER I 91 -41.52 -14.87 12.87
N ILE I 92 -41.20 -15.93 12.15
CA ILE I 92 -39.87 -16.07 11.55
C ILE I 92 -39.58 -14.88 10.64
N SER I 93 -40.57 -14.45 9.86
CA SER I 93 -40.37 -13.30 8.96
C SER I 93 -40.16 -12.02 9.75
N LEU I 94 -41.00 -11.79 10.78
CA LEU I 94 -40.79 -10.64 11.64
C LEU I 94 -39.38 -10.65 12.23
N LEU I 95 -38.97 -11.79 12.77
CA LEU I 95 -37.68 -11.89 13.43
C LEU I 95 -36.55 -11.58 12.47
N SER I 96 -36.65 -12.08 11.23
CA SER I 96 -35.62 -11.77 10.23
C SER I 96 -35.51 -10.27 9.99
N ILE I 97 -36.65 -9.57 10.00
CA ILE I 97 -36.64 -8.12 9.81
C ILE I 97 -35.98 -7.44 11.00
N ILE I 98 -36.32 -7.87 12.23
CA ILE I 98 -35.69 -7.29 13.41
C ILE I 98 -34.18 -7.41 13.31
N ILE I 99 -33.69 -8.56 12.85
CA ILE I 99 -32.25 -8.80 12.80
C ILE I 99 -31.58 -7.82 11.83
N LYS I 100 -32.17 -7.61 10.66
CA LYS I 100 -31.56 -6.66 9.72
C LYS I 100 -31.68 -5.24 10.23
N LYS I 101 -32.85 -4.85 10.76
CA LYS I 101 -32.97 -3.53 11.34
C LYS I 101 -32.00 -3.38 12.51
N LYS I 102 -31.85 -4.44 13.30
CA LYS I 102 -30.86 -4.44 14.37
C LYS I 102 -29.47 -4.18 13.82
N LYS I 103 -29.07 -4.93 12.80
CA LYS I 103 -27.73 -4.81 12.23
C LYS I 103 -27.50 -3.44 11.60
N ASP I 104 -28.53 -2.84 11.01
CA ASP I 104 -28.38 -1.63 10.20
C ASP I 104 -28.70 -0.34 10.94
N GLU I 105 -29.43 -0.40 12.05
CA GLU I 105 -29.95 0.81 12.68
C GLU I 105 -29.64 0.95 14.16
N ASN I 106 -29.15 -0.09 14.83
CA ASN I 106 -28.86 0.00 16.25
C ASN I 106 -27.53 0.70 16.46
N ASN I 107 -27.53 1.77 17.23
CA ASN I 107 -26.31 2.46 17.63
C ASN I 107 -25.71 1.89 18.90
N GLU I 108 -26.40 0.95 19.56
CA GLU I 108 -25.90 0.29 20.75
C GLU I 108 -26.06 -1.22 20.61
N VAL I 109 -25.50 -1.95 21.56
CA VAL I 109 -25.44 -3.39 21.52
C VAL I 109 -26.57 -3.95 22.37
N VAL I 110 -26.96 -5.18 22.06
CA VAL I 110 -28.03 -5.87 22.77
C VAL I 110 -27.67 -7.35 22.87
N ASP I 111 -27.96 -7.95 24.01
CA ASP I 111 -27.68 -9.36 24.26
C ASP I 111 -29.02 -10.09 24.21
N ASP I 112 -29.26 -10.79 23.10
CA ASP I 112 -30.51 -11.54 22.91
C ASP I 112 -30.25 -12.94 22.37
N ASP I 113 -29.02 -13.45 22.49
CA ASP I 113 -28.73 -14.79 22.02
C ASP I 113 -29.71 -15.81 22.60
N LEU I 114 -29.93 -15.75 23.91
CA LEU I 114 -30.82 -16.72 24.54
C LEU I 114 -32.25 -16.54 24.04
N ALA I 115 -32.71 -15.29 23.98
CA ALA I 115 -34.04 -15.02 23.46
C ALA I 115 -34.22 -15.67 22.09
N LEU I 116 -33.34 -15.31 21.15
CA LEU I 116 -33.44 -15.87 19.80
C LEU I 116 -33.37 -17.39 19.81
N ASN I 117 -32.44 -17.97 20.59
CA ASN I 117 -32.33 -19.42 20.62
C ASN I 117 -33.63 -20.06 21.09
N GLU I 118 -34.23 -19.53 22.15
CA GLU I 118 -35.48 -20.08 22.64
C GLU I 118 -36.56 -20.05 21.57
N LEU I 119 -36.65 -18.95 20.83
CA LEU I 119 -37.64 -18.84 19.77
C LEU I 119 -37.39 -19.86 18.67
N ILE I 120 -36.13 -20.03 18.26
CA ILE I 120 -35.82 -20.97 17.19
C ILE I 120 -36.07 -22.40 17.65
N ASN I 121 -35.86 -22.71 18.93
CA ASN I 121 -36.22 -24.03 19.44
C ASN I 121 -37.73 -24.23 19.36
N LYS I 122 -38.50 -23.16 19.61
CA LYS I 122 -39.95 -23.27 19.52
C LYS I 122 -40.39 -23.60 18.10
N PHE I 123 -39.75 -22.98 17.10
CA PHE I 123 -40.17 -23.16 15.72
C PHE I 123 -39.99 -24.59 15.22
N SER I 124 -39.02 -25.33 15.75
CA SER I 124 -38.79 -26.68 15.27
C SER I 124 -39.83 -27.66 15.80
N SER I 125 -40.48 -27.33 16.92
CA SER I 125 -41.63 -28.11 17.34
C SER I 125 -42.62 -28.21 16.20
N TYR I 126 -42.84 -27.10 15.50
CA TYR I 126 -43.72 -26.98 14.34
C TYR I 126 -43.00 -27.24 13.03
N GLN I 127 -41.79 -27.81 13.07
CA GLN I 127 -41.08 -28.15 11.85
C GLN I 127 -41.96 -29.00 10.93
N LYS I 128 -42.60 -30.02 11.49
CA LYS I 128 -43.47 -30.87 10.69
C LYS I 128 -44.53 -30.04 9.97
N ASP I 129 -45.20 -29.15 10.70
CA ASP I 129 -46.23 -28.31 10.09
C ASP I 129 -45.62 -27.26 9.18
N ILE I 130 -44.44 -26.73 9.55
CA ILE I 130 -43.81 -25.69 8.75
C ILE I 130 -43.47 -26.21 7.37
N ILE I 131 -42.81 -27.37 7.30
CA ILE I 131 -42.40 -27.92 6.02
C ILE I 131 -43.61 -28.08 5.09
N SER I 132 -44.74 -28.52 5.64
CA SER I 132 -45.94 -28.66 4.82
C SER I 132 -46.38 -27.32 4.24
N PHE I 133 -46.36 -26.28 5.06
CA PHE I 133 -46.83 -24.97 4.62
C PHE I 133 -45.97 -24.41 3.50
N VAL I 134 -44.65 -24.40 3.71
CA VAL I 134 -43.75 -23.77 2.76
C VAL I 134 -43.83 -24.43 1.39
N GLU I 135 -44.02 -25.76 1.35
CA GLU I 135 -44.10 -26.46 0.08
C GLU I 135 -45.30 -26.01 -0.73
N LYS I 136 -46.44 -25.77 -0.06
CA LYS I 136 -47.64 -25.37 -0.77
C LYS I 136 -47.42 -24.06 -1.54
N ASN I 137 -46.94 -23.02 -0.87
CA ASN I 137 -46.61 -21.74 -1.50
C ASN I 137 -46.31 -21.81 -3.00
N ASP J 4 -50.60 -8.55 30.60
CA ASP J 4 -50.01 -7.30 30.12
C ASP J 4 -50.84 -6.71 28.98
N ALA J 5 -50.71 -5.41 28.78
CA ALA J 5 -51.34 -4.75 27.64
C ALA J 5 -50.52 -4.93 26.37
N SER J 6 -49.22 -4.65 26.44
CA SER J 6 -48.37 -4.72 25.25
C SER J 6 -48.42 -6.09 24.58
N THR J 7 -48.55 -7.17 25.34
CA THR J 7 -48.55 -8.49 24.70
C THR J 7 -49.70 -8.59 23.72
N LYS J 8 -50.90 -8.15 24.12
CA LYS J 8 -52.05 -8.20 23.23
C LYS J 8 -51.95 -7.14 22.14
N LYS J 9 -51.30 -6.02 22.44
CA LYS J 9 -51.14 -4.97 21.44
C LYS J 9 -50.43 -5.54 20.21
N LEU J 10 -49.34 -6.27 20.45
CA LEU J 10 -48.46 -6.80 19.42
C LEU J 10 -48.87 -8.19 18.95
N SER J 11 -49.32 -9.03 19.89
CA SER J 11 -49.74 -10.38 19.53
C SER J 11 -50.88 -10.37 18.54
N GLU J 12 -51.88 -9.50 18.75
CA GLU J 12 -53.01 -9.45 17.82
C GLU J 12 -52.54 -9.03 16.44
N CYS J 13 -51.67 -8.02 16.36
CA CYS J 13 -51.13 -7.63 15.06
C CYS J 13 -50.46 -8.81 14.37
N LEU J 14 -49.79 -9.67 15.15
CA LEU J 14 -49.07 -10.79 14.56
C LEU J 14 -50.04 -11.86 14.08
N LYS J 15 -51.03 -12.23 14.90
CA LYS J 15 -52.02 -13.22 14.47
C LYS J 15 -52.72 -12.75 13.21
N ARG J 16 -53.03 -11.45 13.13
CA ARG J 16 -53.75 -10.93 11.98
C ARG J 16 -52.90 -11.05 10.71
N ILE J 17 -51.59 -10.84 10.83
CA ILE J 17 -50.72 -11.05 9.67
C ILE J 17 -50.83 -12.49 9.16
N GLY J 18 -50.94 -13.44 10.10
CA GLY J 18 -51.08 -14.82 9.69
C GLY J 18 -52.43 -15.11 9.06
N ASP J 19 -53.50 -14.54 9.62
CA ASP J 19 -54.83 -14.72 9.04
C ASP J 19 -54.89 -14.20 7.62
N GLU J 20 -54.32 -13.01 7.39
CA GLU J 20 -54.23 -12.50 6.02
C GLU J 20 -53.46 -13.46 5.12
N LEU J 21 -52.45 -14.15 5.65
CA LEU J 21 -51.71 -15.10 4.84
C LEU J 21 -52.57 -16.32 4.50
N ASP J 22 -53.27 -16.87 5.48
CA ASP J 22 -54.15 -17.99 5.21
C ASP J 22 -55.27 -17.57 4.27
N SER J 23 -55.86 -16.39 4.51
CA SER J 23 -56.93 -15.92 3.64
C SER J 23 -56.43 -15.69 2.22
N ASN J 24 -55.30 -14.99 2.07
CA ASN J 24 -54.79 -14.71 0.74
C ASN J 24 -54.46 -16.00 -0.01
N MET J 25 -53.66 -16.86 0.60
CA MET J 25 -53.34 -18.15 -0.01
C MET J 25 -54.62 -18.90 -0.39
N GLU J 26 -55.57 -18.96 0.54
CA GLU J 26 -56.75 -19.79 0.33
C GLU J 26 -57.53 -19.38 -0.91
N LEU J 27 -57.65 -18.07 -1.15
CA LEU J 27 -58.43 -17.56 -2.27
C LEU J 27 -57.55 -16.79 -3.26
N GLN J 28 -56.31 -17.23 -3.44
CA GLN J 28 -55.41 -16.62 -4.42
C GLN J 28 -54.27 -17.57 -4.79
N ASN K 5 -14.38 12.87 25.04
CA ASN K 5 -14.27 13.05 23.60
C ASN K 5 -14.67 11.77 22.86
N TYR K 6 -14.49 10.62 23.52
CA TYR K 6 -14.64 9.33 22.86
C TYR K 6 -14.92 8.26 23.90
N ASN K 7 -15.50 7.14 23.43
CA ASN K 7 -15.85 6.02 24.28
C ASN K 7 -15.28 4.76 23.64
N ILE K 8 -14.33 4.11 24.33
CA ILE K 8 -13.66 2.95 23.76
C ILE K 8 -14.63 1.79 23.59
N GLU K 9 -15.64 1.71 24.47
CA GLU K 9 -16.53 0.56 24.48
C GLU K 9 -17.30 0.45 23.17
N LYS K 10 -17.75 1.58 22.62
CA LYS K 10 -18.39 1.52 21.32
C LYS K 10 -17.39 1.09 20.25
N VAL K 11 -16.15 1.57 20.36
CA VAL K 11 -15.12 1.19 19.39
C VAL K 11 -14.90 -0.31 19.42
N LEU K 12 -14.88 -0.90 20.62
CA LEU K 12 -14.68 -2.34 20.74
C LEU K 12 -15.91 -3.12 20.27
N ASN K 13 -17.12 -2.58 20.50
CA ASN K 13 -18.31 -3.27 20.03
C ASN K 13 -18.38 -3.30 18.51
N VAL K 14 -17.89 -2.25 17.85
CA VAL K 14 -17.81 -2.28 16.39
C VAL K 14 -16.79 -3.30 15.95
N TYR K 15 -15.61 -3.31 16.58
CA TYR K 15 -14.55 -4.20 16.15
C TYR K 15 -14.91 -5.66 16.40
N LEU K 16 -15.57 -5.94 17.52
CA LEU K 16 -15.83 -7.31 17.94
C LEU K 16 -17.29 -7.75 17.73
N ARG K 17 -18.26 -6.88 17.95
CA ARG K 17 -19.66 -7.28 17.95
C ARG K 17 -20.42 -6.83 16.69
N ASP K 18 -19.72 -6.41 15.64
CA ASP K 18 -20.35 -6.05 14.38
C ASP K 18 -21.41 -4.96 14.58
N LEU K 19 -21.14 -4.03 15.48
CA LEU K 19 -21.98 -2.86 15.63
C LEU K 19 -21.78 -1.93 14.44
N ARG K 20 -22.85 -1.28 13.99
CA ARG K 20 -22.74 -0.37 12.85
C ARG K 20 -21.62 0.63 13.09
N ILE K 21 -20.69 0.71 12.15
CA ILE K 21 -19.56 1.62 12.30
C ILE K 21 -20.02 3.07 12.29
N GLU K 22 -21.19 3.36 11.72
CA GLU K 22 -21.65 4.73 11.61
C GLU K 22 -22.03 5.35 12.95
N SER K 23 -22.05 4.55 14.02
CA SER K 23 -22.32 5.07 15.36
C SER K 23 -21.12 5.77 15.99
N LEU K 24 -19.96 5.77 15.34
CA LEU K 24 -18.73 6.32 15.90
C LEU K 24 -18.49 7.73 15.38
N ASN K 25 -17.99 8.60 16.26
CA ASN K 25 -17.55 9.92 15.82
C ASN K 25 -16.12 9.81 15.27
N ASN K 26 -15.55 10.96 14.89
CA ASN K 26 -14.22 10.94 14.29
C ASN K 26 -13.18 10.41 15.29
N ASN K 27 -13.23 10.89 16.53
CA ASN K 27 -12.30 10.39 17.54
C ASN K 27 -12.44 8.87 17.69
N GLU K 28 -13.66 8.40 17.94
CA GLU K 28 -13.87 6.97 18.11
C GLU K 28 -13.52 6.20 16.84
N LEU K 29 -13.69 6.84 15.68
CA LEU K 29 -13.32 6.18 14.42
C LEU K 29 -11.81 6.07 14.28
N GLU K 30 -11.08 7.13 14.61
CA GLU K 30 -9.62 7.06 14.59
C GLU K 30 -9.12 5.99 15.54
N ILE K 31 -9.69 5.93 16.74
CA ILE K 31 -9.26 4.93 17.71
C ILE K 31 -9.46 3.54 17.13
N LEU K 32 -10.57 3.32 16.42
CA LEU K 32 -10.81 2.03 15.79
C LEU K 32 -9.68 1.68 14.83
N ILE K 33 -9.28 2.65 13.99
CA ILE K 33 -8.21 2.41 13.03
C ILE K 33 -6.96 1.91 13.74
N MET K 34 -6.60 2.55 14.86
CA MET K 34 -5.41 2.14 15.59
C MET K 34 -5.56 0.73 16.14
N ILE K 35 -6.72 0.43 16.72
CA ILE K 35 -6.96 -0.91 17.26
C ILE K 35 -6.95 -1.94 16.14
N ARG K 36 -7.64 -1.66 15.04
CA ARG K 36 -7.68 -2.62 13.94
C ARG K 36 -6.28 -2.90 13.42
N GLU K 37 -5.49 -1.86 13.19
CA GLU K 37 -4.14 -2.04 12.68
C GLU K 37 -3.25 -2.70 13.71
N CYS K 38 -3.31 -2.23 14.96
CA CYS K 38 -2.47 -2.80 16.01
C CYS K 38 -2.82 -4.26 16.27
N CYS K 39 -4.11 -4.56 16.45
CA CYS K 39 -4.52 -5.94 16.68
C CYS K 39 -4.18 -6.83 15.49
N GLU K 40 -4.17 -6.27 14.27
CA GLU K 40 -3.80 -7.07 13.11
C GLU K 40 -2.36 -7.55 13.21
N VAL K 41 -1.48 -6.71 13.74
CA VAL K 41 -0.09 -7.11 13.94
C VAL K 41 0.00 -8.22 14.98
N ILE K 42 -0.70 -8.05 16.11
CA ILE K 42 -0.68 -9.08 17.14
C ILE K 42 -1.20 -10.39 16.58
N LYS K 43 -2.24 -10.34 15.76
CA LYS K 43 -2.79 -11.56 15.17
C LYS K 43 -1.78 -12.22 14.25
N LYS K 44 -0.91 -11.41 13.63
CA LYS K 44 0.09 -11.92 12.71
C LYS K 44 1.34 -12.42 13.43
N ASP K 45 1.89 -11.59 14.33
CA ASP K 45 3.11 -11.98 15.02
C ASP K 45 2.93 -13.26 15.82
N TYR K 46 1.80 -13.39 16.50
CA TYR K 46 1.56 -14.52 17.41
C TYR K 46 0.46 -15.46 16.91
N LYS K 47 0.31 -15.58 15.58
CA LYS K 47 -0.70 -16.46 15.02
C LYS K 47 -0.58 -17.87 15.55
N THR K 48 0.65 -18.39 15.63
CA THR K 48 0.85 -19.76 16.08
C THR K 48 0.37 -19.95 17.52
N GLU K 49 0.69 -19.00 18.39
CA GLU K 49 0.36 -19.15 19.82
C GLU K 49 -1.14 -19.01 20.07
N PHE K 50 -1.80 -18.09 19.35
CA PHE K 50 -3.26 -17.95 19.49
C PHE K 50 -3.96 -19.23 19.07
N ASN K 51 -3.56 -19.82 17.93
CA ASN K 51 -4.20 -21.04 17.47
C ASN K 51 -4.11 -22.15 18.50
N GLU K 52 -2.97 -22.26 19.19
CA GLU K 52 -2.84 -23.26 20.26
C GLU K 52 -3.95 -23.08 21.29
N ILE K 53 -4.28 -21.83 21.63
CA ILE K 53 -5.40 -21.57 22.54
C ILE K 53 -6.72 -21.97 21.89
N CYS K 54 -6.94 -21.56 20.63
CA CYS K 54 -8.19 -21.90 19.97
C CYS K 54 -8.36 -23.41 19.85
N ASN K 55 -7.30 -24.13 19.49
CA ASN K 55 -7.38 -25.59 19.41
C ASN K 55 -7.62 -26.21 20.78
N PHE K 56 -7.20 -25.53 21.86
CA PHE K 56 -7.41 -26.08 23.19
C PHE K 56 -8.88 -26.07 23.55
N ILE K 57 -9.54 -24.91 23.41
CA ILE K 57 -10.94 -24.84 23.80
C ILE K 57 -11.79 -25.65 22.83
N LEU K 58 -11.39 -25.70 21.55
CA LEU K 58 -12.15 -26.44 20.56
C LEU K 58 -12.28 -27.91 20.92
N GLN K 59 -11.15 -28.57 21.18
CA GLN K 59 -11.19 -30.00 21.51
C GLN K 59 -11.71 -30.26 22.91
N ASN K 60 -11.79 -29.23 23.77
CA ASN K 60 -12.37 -29.34 25.09
C ASN K 60 -13.78 -28.77 25.16
N ASN K 61 -14.35 -28.39 24.02
CA ASN K 61 -15.72 -27.90 23.96
C ASN K 61 -16.64 -29.08 23.70
N VAL K 62 -17.74 -29.13 24.46
CA VAL K 62 -18.58 -30.32 24.47
C VAL K 62 -19.10 -30.61 23.07
N LYS K 63 -19.38 -29.57 22.29
CA LYS K 63 -19.94 -29.71 20.95
C LYS K 63 -18.91 -29.47 19.85
N SER K 64 -17.62 -29.37 20.20
CA SER K 64 -16.58 -29.09 19.21
C SER K 64 -16.83 -27.76 18.51
N CYS K 65 -17.09 -26.72 19.30
CA CYS K 65 -17.35 -25.38 18.77
C CYS K 65 -16.54 -24.37 19.56
N TYR K 66 -16.24 -23.25 18.90
CA TYR K 66 -15.62 -22.11 19.58
C TYR K 66 -16.70 -21.34 20.33
N ASP K 67 -16.51 -21.18 21.63
CA ASP K 67 -17.49 -20.54 22.50
C ASP K 67 -16.75 -19.56 23.40
N ILE K 68 -17.15 -18.29 23.37
CA ILE K 68 -16.48 -17.26 24.15
C ILE K 68 -16.61 -17.53 25.65
N ASN K 69 -17.62 -18.29 26.06
CA ASN K 69 -17.76 -18.63 27.46
C ASN K 69 -16.55 -19.39 27.98
N ASP K 70 -15.87 -20.14 27.11
CA ASP K 70 -14.70 -20.91 27.53
C ASP K 70 -13.57 -19.98 27.99
N VAL K 71 -13.22 -18.99 27.17
CA VAL K 71 -12.10 -18.10 27.47
C VAL K 71 -12.48 -16.94 28.39
N LYS K 72 -13.76 -16.76 28.69
CA LYS K 72 -14.17 -15.62 29.52
C LYS K 72 -13.50 -15.68 30.88
N ASN K 73 -13.67 -16.79 31.60
CA ASN K 73 -13.09 -16.90 32.92
C ASN K 73 -11.57 -16.78 32.88
N ILE K 74 -10.95 -17.24 31.79
CA ILE K 74 -9.49 -17.20 31.69
C ILE K 74 -9.02 -15.76 31.55
N ILE K 75 -9.67 -15.00 30.67
CA ILE K 75 -9.20 -13.63 30.40
C ILE K 75 -9.36 -12.76 31.64
N ILE K 76 -10.56 -12.74 32.23
CA ILE K 76 -10.79 -11.89 33.38
C ILE K 76 -9.84 -12.24 34.52
N GLU K 77 -9.63 -13.53 34.77
CA GLU K 77 -8.65 -13.91 35.79
C GLU K 77 -7.26 -13.48 35.37
N THR K 78 -6.93 -13.66 34.09
CA THR K 78 -5.63 -13.20 33.60
C THR K 78 -5.47 -11.70 33.81
N ILE K 79 -6.53 -10.93 33.54
CA ILE K 79 -6.44 -9.48 33.65
C ILE K 79 -6.33 -9.06 35.11
N ASN K 80 -7.16 -9.63 35.98
CA ASN K 80 -7.18 -9.22 37.38
C ASN K 80 -5.84 -9.50 38.06
N SER K 81 -5.30 -10.70 37.88
CA SER K 81 -4.01 -11.02 38.51
C SER K 81 -2.87 -10.26 37.86
N ASP K 82 -2.92 -10.09 36.54
CA ASP K 82 -1.87 -9.36 35.84
C ASP K 82 -2.45 -8.72 34.58
N PHE K 83 -2.59 -7.40 34.59
CA PHE K 83 -3.13 -6.70 33.44
C PHE K 83 -2.04 -5.77 32.93
N ARG K 84 -2.05 -5.55 31.61
CA ARG K 84 -1.08 -4.72 30.93
C ARG K 84 -1.75 -4.40 29.60
N PRO K 85 -1.60 -3.20 29.06
CA PRO K 85 -2.25 -2.93 27.77
C PRO K 85 -1.93 -3.99 26.74
N SER K 86 -0.75 -4.62 26.83
CA SER K 86 -0.37 -5.66 25.88
C SER K 86 -1.26 -6.89 26.03
N VAL K 87 -1.48 -7.36 27.26
CA VAL K 87 -2.32 -8.54 27.45
C VAL K 87 -3.78 -8.21 27.14
N ILE K 88 -4.21 -6.97 27.39
CA ILE K 88 -5.57 -6.58 27.05
C ILE K 88 -5.77 -6.65 25.55
N LEU K 89 -4.84 -6.06 24.80
CA LEU K 89 -4.94 -6.13 23.34
C LEU K 89 -4.73 -7.57 22.84
N ALA K 90 -3.92 -8.36 23.54
CA ALA K 90 -3.83 -9.78 23.22
C ALA K 90 -5.17 -10.46 23.45
N SER K 91 -5.88 -10.06 24.51
CA SER K 91 -7.21 -10.60 24.76
C SER K 91 -8.16 -10.19 23.65
N ILE K 92 -8.19 -8.90 23.31
CA ILE K 92 -9.02 -8.42 22.22
C ILE K 92 -8.67 -9.15 20.93
N SER K 93 -7.37 -9.35 20.69
CA SER K 93 -6.94 -10.03 19.48
C SER K 93 -7.38 -11.49 19.49
N LEU K 94 -7.21 -12.17 20.62
CA LEU K 94 -7.71 -13.54 20.73
C LEU K 94 -9.20 -13.62 20.41
N LEU K 95 -9.99 -12.73 21.01
CA LEU K 95 -11.44 -12.74 20.79
C LEU K 95 -11.76 -12.53 19.32
N SER K 96 -11.04 -11.62 18.66
CA SER K 96 -11.28 -11.41 17.24
C SER K 96 -11.02 -12.68 16.45
N ILE K 97 -9.99 -13.44 16.84
CA ILE K 97 -9.69 -14.70 16.16
C ILE K 97 -10.78 -15.72 16.44
N ILE K 98 -11.18 -15.85 17.71
CA ILE K 98 -12.25 -16.79 18.05
C ILE K 98 -13.52 -16.45 17.30
N ILE K 99 -13.84 -15.16 17.19
CA ILE K 99 -15.09 -14.73 16.55
C ILE K 99 -15.11 -15.13 15.09
N LYS K 100 -13.99 -14.96 14.38
CA LYS K 100 -13.94 -15.38 12.99
C LYS K 100 -13.97 -16.90 12.88
N LYS K 101 -13.26 -17.59 13.76
CA LYS K 101 -13.31 -19.06 13.77
C LYS K 101 -14.73 -19.54 14.04
N LYS K 102 -15.48 -18.84 14.89
CA LYS K 102 -16.89 -19.17 15.09
C LYS K 102 -17.66 -19.08 13.79
N LYS K 103 -17.56 -17.95 13.09
CA LYS K 103 -18.33 -17.78 11.87
C LYS K 103 -17.93 -18.78 10.80
N ASP K 104 -16.66 -19.17 10.75
CA ASP K 104 -16.14 -19.95 9.64
C ASP K 104 -16.14 -21.46 9.88
N GLU K 105 -16.19 -21.89 11.14
CA GLU K 105 -15.98 -23.30 11.46
C GLU K 105 -17.01 -23.93 12.38
N ASN K 106 -17.86 -23.15 13.05
CA ASN K 106 -18.83 -23.72 13.98
C ASN K 106 -20.02 -24.29 13.22
N ASN K 107 -20.30 -25.57 13.42
CA ASN K 107 -21.47 -26.23 12.87
C ASN K 107 -22.68 -26.15 13.80
N GLU K 108 -22.52 -25.58 14.98
CA GLU K 108 -23.62 -25.42 15.93
C GLU K 108 -23.64 -23.98 16.43
N VAL K 109 -24.67 -23.67 17.20
CA VAL K 109 -24.89 -22.32 17.70
C VAL K 109 -24.32 -22.24 19.11
N VAL K 110 -23.95 -21.03 19.51
CA VAL K 110 -23.43 -20.79 20.85
C VAL K 110 -23.92 -19.42 21.29
N ASP K 111 -24.34 -19.33 22.55
CA ASP K 111 -24.86 -18.10 23.11
C ASP K 111 -23.82 -17.53 24.07
N ASP K 112 -23.13 -16.48 23.62
CA ASP K 112 -22.11 -15.84 24.42
C ASP K 112 -22.22 -14.31 24.39
N ASP K 113 -23.37 -13.77 24.00
CA ASP K 113 -23.56 -12.32 24.02
C ASP K 113 -23.17 -11.76 25.38
N LEU K 114 -23.65 -12.40 26.45
CA LEU K 114 -23.37 -11.92 27.80
C LEU K 114 -21.88 -12.02 28.11
N ALA K 115 -21.28 -13.18 27.81
CA ALA K 115 -19.85 -13.34 28.05
C ALA K 115 -19.05 -12.26 27.33
N LEU K 116 -19.20 -12.15 26.01
CA LEU K 116 -18.44 -11.18 25.25
C LEU K 116 -18.69 -9.77 25.78
N ASN K 117 -19.95 -9.44 26.07
CA ASN K 117 -20.24 -8.12 26.59
C ASN K 117 -19.50 -7.86 27.90
N GLU K 118 -19.50 -8.84 28.80
CA GLU K 118 -18.82 -8.67 30.09
C GLU K 118 -17.34 -8.38 29.88
N LEU K 119 -16.70 -9.10 28.94
CA LEU K 119 -15.28 -8.88 28.68
C LEU K 119 -15.00 -7.48 28.17
N ILE K 120 -15.81 -7.00 27.23
CA ILE K 120 -15.57 -5.68 26.65
C ILE K 120 -15.75 -4.60 27.70
N ASN K 121 -16.64 -4.81 28.67
CA ASN K 121 -16.79 -3.88 29.77
C ASN K 121 -15.52 -3.81 30.61
N LYS K 122 -14.83 -4.95 30.77
CA LYS K 122 -13.59 -4.97 31.52
C LYS K 122 -12.54 -4.10 30.85
N PHE K 123 -12.43 -4.20 29.52
CA PHE K 123 -11.39 -3.49 28.78
C PHE K 123 -11.55 -1.98 28.85
N SER K 124 -12.78 -1.48 29.07
CA SER K 124 -13.02 -0.05 28.96
C SER K 124 -12.51 0.71 30.17
N SER K 125 -12.43 0.06 31.33
CA SER K 125 -11.74 0.66 32.46
C SER K 125 -10.31 0.99 32.08
N TYR K 126 -9.66 0.10 31.33
CA TYR K 126 -8.29 0.24 30.89
C TYR K 126 -8.18 1.03 29.59
N GLN K 127 -9.24 1.73 29.19
CA GLN K 127 -9.15 2.62 28.04
C GLN K 127 -8.01 3.61 28.20
N LYS K 128 -7.93 4.24 29.37
CA LYS K 128 -6.89 5.21 29.63
C LYS K 128 -5.52 4.63 29.30
N ASP K 129 -5.25 3.39 29.74
CA ASP K 129 -3.99 2.75 29.42
C ASP K 129 -3.94 2.29 27.96
N ILE K 130 -5.07 1.84 27.41
CA ILE K 130 -5.08 1.28 26.06
C ILE K 130 -4.70 2.34 25.03
N ILE K 131 -5.34 3.52 25.09
CA ILE K 131 -5.10 4.55 24.08
C ILE K 131 -3.62 4.87 23.98
N SER K 132 -2.93 4.91 25.11
CA SER K 132 -1.50 5.18 25.09
C SER K 132 -0.76 4.08 24.32
N PHE K 133 -1.14 2.82 24.55
CA PHE K 133 -0.44 1.70 23.93
C PHE K 133 -0.62 1.72 22.40
N VAL K 134 -1.87 1.83 21.93
CA VAL K 134 -2.09 1.79 20.49
C VAL K 134 -1.43 2.98 19.81
N GLU K 135 -1.46 4.14 20.45
CA GLU K 135 -0.80 5.32 19.88
C GLU K 135 0.71 5.13 19.85
N LYS K 136 1.29 4.59 20.93
CA LYS K 136 2.74 4.37 20.94
C LYS K 136 3.13 3.41 19.84
N ASN K 137 2.43 2.28 19.73
CA ASN K 137 2.64 1.36 18.62
C ASN K 137 2.70 2.11 17.30
N LYS K 138 1.67 2.89 16.99
CA LYS K 138 1.61 3.72 15.79
C LYS K 138 0.18 4.22 15.58
N ASP L 4 -9.98 -25.71 36.95
CA ASP L 4 -9.00 -24.72 37.37
C ASP L 4 -7.65 -25.04 36.75
N ALA L 5 -7.40 -26.33 36.53
CA ALA L 5 -6.24 -26.76 35.78
C ALA L 5 -6.11 -26.00 34.46
N SER L 6 -7.11 -26.16 33.59
CA SER L 6 -7.07 -25.54 32.27
C SER L 6 -6.91 -24.03 32.35
N THR L 7 -7.52 -23.40 33.36
CA THR L 7 -7.41 -21.95 33.49
C THR L 7 -5.97 -21.51 33.67
N LYS L 8 -5.22 -22.26 34.50
CA LYS L 8 -3.85 -21.91 34.78
C LYS L 8 -2.98 -22.11 33.55
N LYS L 9 -3.32 -23.10 32.73
CA LYS L 9 -2.57 -23.41 31.52
C LYS L 9 -2.63 -22.25 30.52
N LEU L 10 -3.82 -21.69 30.31
CA LEU L 10 -4.03 -20.67 29.29
C LEU L 10 -3.69 -19.26 29.77
N SER L 11 -3.95 -18.95 31.04
CA SER L 11 -3.61 -17.62 31.55
C SER L 11 -2.13 -17.33 31.36
N GLU L 12 -1.27 -18.30 31.65
CA GLU L 12 0.16 -18.08 31.46
C GLU L 12 0.49 -17.86 29.99
N CYS L 13 -0.08 -18.68 29.10
CA CYS L 13 0.16 -18.48 27.67
C CYS L 13 -0.27 -17.10 27.21
N LEU L 14 -1.36 -16.57 27.76
CA LEU L 14 -1.86 -15.29 27.27
C LEU L 14 -0.96 -14.14 27.74
N LYS L 15 -0.64 -14.08 29.03
CA LYS L 15 0.24 -13.02 29.51
C LYS L 15 1.60 -13.08 28.83
N ARG L 16 2.09 -14.28 28.53
CA ARG L 16 3.37 -14.39 27.84
C ARG L 16 3.30 -13.71 26.48
N ILE L 17 2.16 -13.81 25.80
CA ILE L 17 1.98 -13.12 24.53
C ILE L 17 2.13 -11.62 24.72
N GLY L 18 1.65 -11.11 25.86
CA GLY L 18 1.82 -9.70 26.15
C GLY L 18 3.27 -9.34 26.45
N ASP L 19 3.96 -10.21 27.19
CA ASP L 19 5.36 -9.94 27.52
C ASP L 19 6.22 -9.82 26.27
N GLU L 20 6.08 -10.77 25.35
CA GLU L 20 6.82 -10.69 24.09
C GLU L 20 6.43 -9.44 23.31
N LEU L 21 5.18 -9.01 23.42
CA LEU L 21 4.73 -7.82 22.70
C LEU L 21 5.37 -6.55 23.26
N ASP L 22 5.45 -6.43 24.58
CA ASP L 22 6.09 -5.26 25.16
C ASP L 22 7.55 -5.18 24.76
N SER L 23 8.26 -6.31 24.81
CA SER L 23 9.66 -6.31 24.41
C SER L 23 9.80 -5.96 22.93
N ASN L 24 8.97 -6.55 22.07
CA ASN L 24 9.06 -6.29 20.64
C ASN L 24 8.85 -4.81 20.34
N MET L 25 7.93 -4.16 21.07
CA MET L 25 7.61 -2.77 20.76
C MET L 25 8.63 -1.81 21.35
N GLU L 26 9.11 -2.06 22.57
CA GLU L 26 10.09 -1.19 23.19
C GLU L 26 11.52 -1.52 22.77
N LEU L 27 11.71 -2.43 21.82
CA LEU L 27 13.02 -2.70 21.24
C LEU L 27 13.07 -2.32 19.76
N GLN L 28 12.02 -1.69 19.24
CA GLN L 28 11.97 -1.31 17.84
C GLN L 28 11.28 0.04 17.68
N ASN M 5 30.00 28.67 19.26
CA ASN M 5 28.75 29.33 18.90
C ASN M 5 28.61 29.39 17.37
N TYR M 6 28.33 30.57 16.81
CA TYR M 6 28.20 30.70 15.37
C TYR M 6 28.56 32.12 14.95
N ASN M 7 28.91 32.26 13.68
CA ASN M 7 29.27 33.54 13.09
C ASN M 7 28.48 33.70 11.80
N ILE M 8 27.63 34.72 11.75
CA ILE M 8 26.75 34.90 10.60
C ILE M 8 27.56 35.21 9.34
N GLU M 9 28.70 35.88 9.49
CA GLU M 9 29.42 36.36 8.32
C GLU M 9 29.85 35.20 7.43
N LYS M 10 30.30 34.09 8.00
CA LYS M 10 30.57 32.93 7.18
C LYS M 10 29.30 32.38 6.56
N VAL M 11 28.19 32.38 7.30
CA VAL M 11 26.94 31.89 6.73
C VAL M 11 26.55 32.73 5.53
N LEU M 12 26.66 34.06 5.64
CA LEU M 12 26.33 34.93 4.52
C LEU M 12 27.34 34.81 3.39
N ASN M 13 28.61 34.61 3.72
CA ASN M 13 29.62 34.47 2.67
C ASN M 13 29.38 33.21 1.84
N VAL M 14 28.85 32.15 2.46
CA VAL M 14 28.49 30.97 1.69
C VAL M 14 27.30 31.28 0.78
N TYR M 15 26.26 31.92 1.33
CA TYR M 15 25.05 32.17 0.54
C TYR M 15 25.31 33.15 -0.59
N LEU M 16 26.12 34.18 -0.32
CA LEU M 16 26.31 35.28 -1.26
C LEU M 16 27.64 35.21 -2.01
N ARG M 17 28.73 34.82 -1.33
CA ARG M 17 30.06 34.85 -1.92
C ARG M 17 30.54 33.46 -2.32
N ASP M 18 29.64 32.48 -2.37
CA ASP M 18 29.99 31.14 -2.82
C ASP M 18 31.15 30.56 -2.00
N LEU M 19 31.17 30.86 -0.71
CA LEU M 19 32.13 30.22 0.17
C LEU M 19 31.73 28.76 0.36
N ARG M 20 32.73 27.91 0.49
CA ARG M 20 32.51 26.47 0.59
C ARG M 20 31.53 26.09 1.69
N ILE M 21 30.57 25.24 1.31
CA ILE M 21 29.54 24.77 2.23
C ILE M 21 30.16 24.06 3.41
N GLU M 22 31.38 23.54 3.23
CA GLU M 22 32.09 22.76 4.23
C GLU M 22 32.68 23.59 5.36
N SER M 23 32.74 24.92 5.22
CA SER M 23 33.31 25.75 6.27
C SER M 23 32.37 25.97 7.46
N LEU M 24 31.13 25.47 7.40
CA LEU M 24 30.16 25.75 8.44
C LEU M 24 30.07 24.59 9.42
N ASN M 25 29.90 24.93 10.70
CA ASN M 25 29.58 23.96 11.73
C ASN M 25 28.07 23.72 11.72
N ASN M 26 27.60 22.89 12.66
CA ASN M 26 26.18 22.56 12.66
C ASN M 26 25.31 23.79 12.85
N ASN M 27 25.66 24.62 13.84
CA ASN M 27 24.89 25.84 14.06
C ASN M 27 24.84 26.66 12.79
N GLU M 28 26.01 26.94 12.22
CA GLU M 28 26.11 27.77 11.02
C GLU M 28 25.39 27.12 9.84
N LEU M 29 25.35 25.78 9.78
CA LEU M 29 24.66 25.12 8.68
C LEU M 29 23.15 25.27 8.81
N GLU M 30 22.61 25.03 10.01
CA GLU M 30 21.18 25.22 10.21
C GLU M 30 20.75 26.65 9.89
N ILE M 31 21.55 27.63 10.33
CA ILE M 31 21.23 29.02 10.03
C ILE M 31 21.17 29.23 8.52
N LEU M 32 22.14 28.67 7.79
CA LEU M 32 22.16 28.79 6.33
C LEU M 32 20.91 28.18 5.70
N ILE M 33 20.55 26.97 6.11
CA ILE M 33 19.40 26.29 5.52
C ILE M 33 18.16 27.17 5.63
N MET M 34 17.95 27.74 6.81
CA MET M 34 16.79 28.59 7.02
C MET M 34 16.86 29.85 6.15
N ILE M 35 18.05 30.47 6.07
CA ILE M 35 18.22 31.66 5.23
C ILE M 35 17.94 31.32 3.77
N ARG M 36 18.47 30.20 3.28
CA ARG M 36 18.25 29.82 1.89
C ARG M 36 16.76 29.70 1.58
N GLU M 37 16.03 29.01 2.45
CA GLU M 37 14.60 28.79 2.22
C GLU M 37 13.80 30.09 2.36
N CYS M 38 14.17 30.92 3.34
CA CYS M 38 13.43 32.19 3.54
CA CYS M 38 13.44 32.19 3.54
C CYS M 38 13.67 33.13 2.38
N CYS M 39 14.93 33.51 2.13
CA CYS M 39 15.23 34.41 1.03
C CYS M 39 14.67 33.89 -0.29
N GLU M 40 14.56 32.57 -0.44
CA GLU M 40 14.02 32.03 -1.67
C GLU M 40 12.55 32.43 -1.84
N VAL M 41 11.80 32.46 -0.74
CA VAL M 41 10.41 32.92 -0.81
C VAL M 41 10.36 34.41 -1.14
N ILE M 42 11.19 35.21 -0.47
CA ILE M 42 11.23 36.64 -0.74
C ILE M 42 11.57 36.89 -2.20
N LYS M 43 12.51 36.12 -2.76
CA LYS M 43 12.92 36.30 -4.14
C LYS M 43 11.79 35.99 -5.11
N LYS M 44 10.90 35.05 -4.76
CA LYS M 44 9.82 34.66 -5.66
C LYS M 44 8.64 35.62 -5.56
N ASP M 45 8.19 35.87 -4.33
CA ASP M 45 7.05 36.76 -4.11
C ASP M 45 7.34 38.17 -4.62
N TYR M 46 8.57 38.63 -4.41
CA TYR M 46 8.96 39.98 -4.80
C TYR M 46 9.90 39.94 -6.01
N LYS M 47 9.74 38.90 -6.84
CA LYS M 47 10.44 38.82 -8.11
C LYS M 47 10.13 40.04 -8.94
N THR M 48 8.86 40.44 -8.94
CA THR M 48 8.43 41.57 -9.77
C THR M 48 9.07 42.87 -9.29
N GLU M 49 9.05 43.13 -7.98
CA GLU M 49 9.59 44.40 -7.50
C GLU M 49 11.10 44.41 -7.58
N PHE M 50 11.75 43.29 -7.26
CA PHE M 50 13.21 43.22 -7.37
C PHE M 50 13.67 43.49 -8.80
N ASN M 51 13.03 42.85 -9.79
CA ASN M 51 13.42 43.11 -11.17
C ASN M 51 13.30 44.60 -11.51
N GLU M 52 12.24 45.26 -11.04
CA GLU M 52 12.12 46.69 -11.27
C GLU M 52 13.33 47.44 -10.72
N ILE M 53 13.81 47.05 -9.54
CA ILE M 53 15.02 47.64 -8.98
C ILE M 53 16.23 47.28 -9.83
N CYS M 54 16.42 46.00 -10.13
CA CYS M 54 17.58 45.58 -10.90
C CYS M 54 17.58 46.25 -12.28
N ASN M 55 16.43 46.33 -12.93
CA ASN M 55 16.36 46.96 -14.25
C ASN M 55 16.70 48.44 -14.18
N PHE M 56 16.46 49.09 -13.05
CA PHE M 56 16.79 50.51 -12.93
C PHE M 56 18.29 50.73 -12.82
N ILE M 57 18.96 49.98 -11.94
CA ILE M 57 20.38 50.22 -11.71
C ILE M 57 21.19 49.93 -12.97
N LEU M 58 20.75 48.95 -13.75
CA LEU M 58 21.45 48.63 -15.00
C LEU M 58 21.45 49.84 -15.93
N GLN M 59 20.29 50.47 -16.09
CA GLN M 59 20.17 51.61 -16.99
C GLN M 59 20.91 52.84 -16.48
N ASN M 60 21.28 52.87 -15.20
CA ASN M 60 22.10 53.94 -14.65
C ASN M 60 23.55 53.50 -14.47
N ASN M 61 23.88 52.30 -14.93
CA ASN M 61 25.25 51.80 -14.88
C ASN M 61 25.95 52.11 -16.21
N VAL M 62 27.13 52.74 -16.11
CA VAL M 62 27.81 53.23 -17.30
C VAL M 62 28.19 52.09 -18.25
N LYS M 63 28.47 50.91 -17.71
CA LYS M 63 28.95 49.79 -18.52
C LYS M 63 27.83 48.81 -18.88
N SER M 64 26.58 49.15 -18.58
CA SER M 64 25.45 48.26 -18.84
C SER M 64 25.67 46.91 -18.15
N CYS M 65 26.06 46.98 -16.88
CA CYS M 65 26.34 45.80 -16.07
C CYS M 65 25.72 45.97 -14.70
N TYR M 66 25.40 44.84 -14.06
CA TYR M 66 24.98 44.85 -12.67
C TYR M 66 26.22 44.98 -11.79
N ASP M 67 26.24 46.03 -10.95
CA ASP M 67 27.39 46.35 -10.12
C ASP M 67 26.91 46.60 -8.69
N ILE M 68 27.45 45.83 -7.75
CA ILE M 68 27.05 45.99 -6.36
C ILE M 68 27.49 47.34 -5.80
N ASN M 69 28.50 47.97 -6.42
CA ASN M 69 28.89 49.30 -5.96
C ASN M 69 27.75 50.29 -6.09
N ASP M 70 26.91 50.13 -7.12
CA ASP M 70 25.78 51.05 -7.29
C ASP M 70 24.81 50.92 -6.12
N VAL M 71 24.42 49.69 -5.79
CA VAL M 71 23.44 49.46 -4.74
C VAL M 71 24.04 49.46 -3.33
N LYS M 72 25.36 49.46 -3.20
CA LYS M 72 25.97 49.35 -1.88
C LYS M 72 25.56 50.50 -0.97
N ASN M 73 25.80 51.74 -1.40
CA ASN M 73 25.47 52.88 -0.56
C ASN M 73 23.97 52.93 -0.25
N ILE M 74 23.13 52.47 -1.17
CA ILE M 74 21.70 52.52 -0.92
C ILE M 74 21.31 51.55 0.19
N ILE M 75 21.87 50.34 0.17
CA ILE M 75 21.49 49.34 1.15
C ILE M 75 21.93 49.78 2.55
N ILE M 76 23.20 50.18 2.69
CA ILE M 76 23.69 50.56 4.01
C ILE M 76 22.88 51.73 4.56
N GLU M 77 22.59 52.72 3.72
CA GLU M 77 21.77 53.85 4.16
C GLU M 77 20.35 53.40 4.51
N THR M 78 19.78 52.53 3.67
CA THR M 78 18.42 52.05 3.92
C THR M 78 18.32 51.38 5.28
N ILE M 79 19.32 50.58 5.64
CA ILE M 79 19.24 49.84 6.90
C ILE M 79 19.39 50.80 8.08
N ASN M 80 20.30 51.76 7.98
CA ASN M 80 20.52 52.69 9.09
C ASN M 80 19.24 53.45 9.42
N SER M 81 18.56 53.98 8.39
CA SER M 81 17.30 54.69 8.62
C SER M 81 16.21 53.73 9.07
N ASP M 82 16.24 52.48 8.60
CA ASP M 82 15.25 51.48 8.96
C ASP M 82 15.97 50.14 9.01
N PHE M 83 16.19 49.62 10.21
CA PHE M 83 16.95 48.38 10.37
C PHE M 83 16.07 47.27 10.93
N ARG M 84 14.91 47.07 10.30
CA ARG M 84 13.99 45.99 10.67
C ARG M 84 14.43 44.69 9.99
N PRO M 85 14.30 43.56 10.68
CA PRO M 85 14.75 42.29 10.07
C PRO M 85 14.19 42.04 8.67
N SER M 86 12.98 42.52 8.39
CA SER M 86 12.37 42.28 7.09
C SER M 86 13.14 42.97 5.97
N VAL M 87 13.50 44.24 6.16
CA VAL M 87 14.19 44.97 5.11
C VAL M 87 15.61 44.43 4.93
N ILE M 88 16.22 43.90 5.98
CA ILE M 88 17.56 43.33 5.85
C ILE M 88 17.53 42.12 4.92
N LEU M 89 16.59 41.19 5.15
CA LEU M 89 16.52 40.02 4.28
C LEU M 89 16.10 40.40 2.87
N ALA M 90 15.26 41.43 2.72
CA ALA M 90 14.96 41.93 1.39
C ALA M 90 16.24 42.44 0.72
N SER M 91 17.12 43.06 1.51
CA SER M 91 18.41 43.49 0.98
C SER M 91 19.27 42.29 0.59
N ILE M 92 19.39 41.30 1.48
CA ILE M 92 20.14 40.09 1.17
C ILE M 92 19.57 39.43 -0.06
N SER M 93 18.24 39.35 -0.15
CA SER M 93 17.62 38.70 -1.30
C SER M 93 17.88 39.50 -2.58
N LEU M 94 17.74 40.82 -2.52
CA LEU M 94 18.13 41.65 -3.65
C LEU M 94 19.56 41.38 -4.05
N LEU M 95 20.47 41.37 -3.07
CA LEU M 95 21.88 41.15 -3.34
C LEU M 95 22.10 39.81 -4.01
N SER M 96 21.41 38.77 -3.52
CA SER M 96 21.51 37.45 -4.14
C SER M 96 21.05 37.49 -5.59
N ILE M 97 19.99 38.26 -5.88
CA ILE M 97 19.50 38.37 -7.24
C ILE M 97 20.51 39.09 -8.12
N ILE M 98 21.08 40.18 -7.64
CA ILE M 98 22.08 40.89 -8.41
C ILE M 98 23.24 39.97 -8.77
N ILE M 99 23.65 39.12 -7.82
CA ILE M 99 24.80 38.26 -8.05
C ILE M 99 24.55 37.30 -9.20
N LYS M 100 23.34 36.72 -9.26
CA LYS M 100 23.03 35.82 -10.35
C LYS M 100 22.87 36.57 -11.67
N LYS M 101 22.21 37.73 -11.65
CA LYS M 101 22.07 38.52 -12.87
C LYS M 101 23.44 38.90 -13.42
N LYS M 102 24.39 39.18 -12.54
CA LYS M 102 25.77 39.40 -12.98
C LYS M 102 26.28 38.19 -13.75
N LYS M 103 26.12 37.00 -13.17
CA LYS M 103 26.68 35.81 -13.78
C LYS M 103 26.07 35.50 -15.13
N ASP M 104 24.78 35.80 -15.32
CA ASP M 104 24.08 35.37 -16.51
C ASP M 104 23.95 36.42 -17.61
N GLU M 105 24.12 37.71 -17.29
CA GLU M 105 23.77 38.77 -18.24
C GLU M 105 24.84 39.83 -18.46
N ASN M 106 25.88 39.89 -17.63
CA ASN M 106 26.92 40.90 -17.80
C ASN M 106 27.90 40.45 -18.88
N ASN M 107 28.09 41.30 -19.89
CA ASN M 107 29.09 41.07 -20.92
C ASN M 107 30.45 41.65 -20.58
N GLU M 108 30.58 42.36 -19.45
CA GLU M 108 31.86 42.88 -19.01
C GLU M 108 32.05 42.56 -17.53
N VAL M 109 33.26 42.83 -17.05
CA VAL M 109 33.66 42.45 -15.69
C VAL M 109 33.50 43.66 -14.78
N VAL M 110 33.29 43.38 -13.49
CA VAL M 110 33.12 44.43 -12.49
C VAL M 110 33.77 43.97 -11.19
N ASP M 111 34.40 44.92 -10.49
CA ASP M 111 35.10 44.65 -9.24
C ASP M 111 34.26 45.20 -8.08
N ASP M 112 33.63 44.30 -7.33
CA ASP M 112 32.80 44.69 -6.19
C ASP M 112 33.07 43.85 -4.94
N ASP M 113 34.21 43.15 -4.88
CA ASP M 113 34.55 42.40 -3.68
C ASP M 113 34.49 43.28 -2.44
N LEU M 114 35.09 44.46 -2.52
CA LEU M 114 35.10 45.38 -1.38
C LEU M 114 33.67 45.83 -1.05
N ALA M 115 32.92 46.21 -2.08
CA ALA M 115 31.54 46.63 -1.87
C ALA M 115 30.76 45.56 -1.11
N LEU M 116 30.71 44.36 -1.66
CA LEU M 116 29.91 43.29 -1.06
C LEU M 116 30.36 43.02 0.38
N ASN M 117 31.68 42.97 0.62
CA ASN M 117 32.17 42.68 1.95
C ASN M 117 31.65 43.70 2.96
N GLU M 118 31.70 44.99 2.60
CA GLU M 118 31.19 46.02 3.50
C GLU M 118 29.73 45.78 3.84
N LEU M 119 28.95 45.35 2.83
CA LEU M 119 27.53 45.08 3.07
C LEU M 119 27.33 43.95 4.06
N ILE M 120 28.08 42.85 3.91
CA ILE M 120 27.88 41.70 4.80
C ILE M 120 28.31 42.03 6.23
N ASN M 121 29.32 42.88 6.42
CA ASN M 121 29.69 43.27 7.77
C ASN M 121 28.55 44.07 8.41
N LYS M 122 27.85 44.88 7.62
CA LYS M 122 26.69 45.59 8.15
C LYS M 122 25.63 44.59 8.61
N PHE M 123 25.43 43.53 7.85
CA PHE M 123 24.43 42.54 8.23
C PHE M 123 24.82 41.85 9.53
N SER M 124 26.10 41.81 9.86
CA SER M 124 26.56 41.11 11.06
C SER M 124 26.28 41.93 12.31
N SER M 125 26.26 43.25 12.19
CA SER M 125 25.75 44.07 13.28
C SER M 125 24.31 43.69 13.58
N TYR M 126 23.53 43.50 12.52
CA TYR M 126 22.12 43.13 12.63
C TYR M 126 21.90 41.62 12.60
N GLN M 127 22.96 40.81 12.69
CA GLN M 127 22.80 39.40 12.96
C GLN M 127 21.99 39.21 14.23
N LYS M 128 22.26 40.06 15.23
CA LYS M 128 21.52 39.98 16.49
C LYS M 128 20.04 39.90 16.20
N ASP M 129 19.57 40.75 15.29
CA ASP M 129 18.17 40.83 14.89
C ASP M 129 17.75 39.75 13.88
N ILE M 130 18.64 39.39 12.93
CA ILE M 130 18.25 38.49 11.84
C ILE M 130 17.79 37.14 12.36
N ILE M 131 18.57 36.55 13.27
CA ILE M 131 18.28 35.19 13.73
C ILE M 131 16.83 35.07 14.15
N SER M 132 16.27 36.12 14.76
CA SER M 132 14.87 36.08 15.18
C SER M 132 13.94 35.92 14.00
N PHE M 133 14.16 36.67 12.92
CA PHE M 133 13.24 36.66 11.79
C PHE M 133 13.23 35.31 11.09
N VAL M 134 14.41 34.81 10.73
CA VAL M 134 14.48 33.59 9.93
C VAL M 134 13.95 32.40 10.71
N GLU M 135 14.21 32.37 12.02
CA GLU M 135 13.72 31.26 12.85
C GLU M 135 12.20 31.24 12.89
N LYS M 136 11.58 32.42 12.92
CA LYS M 136 10.12 32.51 12.92
C LYS M 136 9.53 31.85 11.68
N ASN M 137 10.11 32.12 10.51
CA ASN M 137 9.75 31.56 9.21
C ASN M 137 8.97 32.60 8.42
N ASP N 4 22.33 62.45 -5.48
CA ASP N 4 21.87 61.21 -4.90
C ASP N 4 20.35 61.15 -4.86
N ALA N 5 19.73 61.53 -5.98
CA ALA N 5 18.27 61.41 -6.12
C ALA N 5 17.85 59.95 -6.22
N SER N 6 18.48 59.20 -7.13
CA SER N 6 18.15 57.79 -7.31
C SER N 6 18.31 56.99 -6.03
N THR N 7 19.24 57.40 -5.15
CA THR N 7 19.52 56.62 -3.95
C THR N 7 18.26 56.48 -3.10
N LYS N 8 17.53 57.58 -2.89
CA LYS N 8 16.34 57.50 -2.06
C LYS N 8 15.18 56.81 -2.78
N LYS N 9 15.09 56.95 -4.10
CA LYS N 9 14.07 56.21 -4.85
C LYS N 9 14.26 54.71 -4.69
N LEU N 10 15.51 54.25 -4.71
CA LEU N 10 15.75 52.81 -4.66
C LEU N 10 15.57 52.33 -3.23
N SER N 11 16.00 53.14 -2.26
CA SER N 11 15.71 52.85 -0.86
C SER N 11 14.22 52.78 -0.63
N GLU N 12 13.46 53.68 -1.26
CA GLU N 12 12.01 53.69 -1.08
C GLU N 12 11.41 52.37 -1.55
N CYS N 13 11.81 51.90 -2.73
CA CYS N 13 11.32 50.62 -3.22
C CYS N 13 11.68 49.50 -2.25
N LEU N 14 12.87 49.56 -1.66
CA LEU N 14 13.32 48.48 -0.79
C LEU N 14 12.60 48.53 0.55
N LYS N 15 12.47 49.72 1.14
CA LYS N 15 11.79 49.82 2.43
C LYS N 15 10.39 49.26 2.34
N ARG N 16 9.69 49.49 1.22
CA ARG N 16 8.35 48.94 1.07
C ARG N 16 8.37 47.43 1.05
N ILE N 17 9.40 46.83 0.44
CA ILE N 17 9.52 45.38 0.44
C ILE N 17 9.57 44.85 1.86
N GLY N 18 10.23 45.58 2.76
CA GLY N 18 10.24 45.17 4.16
C GLY N 18 8.88 45.30 4.79
N ASP N 19 8.16 46.38 4.47
CA ASP N 19 6.82 46.56 5.00
C ASP N 19 5.89 45.44 4.55
N GLU N 20 5.93 45.08 3.26
CA GLU N 20 5.14 43.97 2.78
C GLU N 20 5.49 42.68 3.51
N LEU N 21 6.77 42.52 3.89
CA LEU N 21 7.18 41.33 4.62
C LEU N 21 6.59 41.31 6.02
N ASP N 22 6.59 42.45 6.70
CA ASP N 22 5.96 42.53 8.02
C ASP N 22 4.47 42.23 7.93
N SER N 23 3.81 42.75 6.89
CA SER N 23 2.37 42.54 6.74
C SER N 23 2.02 41.06 6.67
N ASN N 24 2.80 40.27 5.92
CA ASN N 24 2.52 38.84 5.83
C ASN N 24 2.54 38.19 7.20
N MET N 25 3.34 38.71 8.12
CA MET N 25 3.48 38.13 9.46
C MET N 25 3.36 39.20 10.53
N TYR O 6 16.64 9.61 12.18
CA TYR O 6 17.43 10.08 11.06
C TYR O 6 17.46 9.01 9.95
N ASN O 7 17.81 9.43 8.74
CA ASN O 7 17.90 8.51 7.59
C ASN O 7 19.26 8.72 6.95
N ILE O 8 20.11 7.69 7.03
CA ILE O 8 21.48 7.81 6.51
C ILE O 8 21.48 7.86 5.00
N GLU O 9 20.53 7.16 4.37
CA GLU O 9 20.55 7.03 2.92
C GLU O 9 20.35 8.38 2.23
N LYS O 10 19.49 9.23 2.79
CA LYS O 10 19.33 10.57 2.24
C LYS O 10 20.63 11.36 2.38
N VAL O 11 21.30 11.21 3.53
CA VAL O 11 22.55 11.93 3.75
C VAL O 11 23.58 11.55 2.70
N LEU O 12 23.66 10.26 2.36
CA LEU O 12 24.60 9.84 1.33
C LEU O 12 24.19 10.37 -0.04
N ASN O 13 22.89 10.45 -0.31
CA ASN O 13 22.43 11.01 -1.57
C ASN O 13 22.75 12.50 -1.69
N VAL O 14 22.75 13.21 -0.56
CA VAL O 14 23.19 14.60 -0.58
C VAL O 14 24.68 14.68 -0.87
N TYR O 15 25.47 13.86 -0.17
CA TYR O 15 26.93 13.93 -0.31
C TYR O 15 27.38 13.50 -1.70
N LEU O 16 26.73 12.48 -2.27
CA LEU O 16 27.11 11.91 -3.55
C LEU O 16 26.22 12.33 -4.71
N ARG O 17 24.91 12.43 -4.49
CA ARG O 17 23.97 12.71 -5.59
C ARG O 17 23.45 14.14 -5.59
N ASP O 18 24.08 15.04 -4.85
CA ASP O 18 23.72 16.46 -4.90
C ASP O 18 22.23 16.66 -4.63
N LEU O 19 21.69 15.85 -3.71
CA LEU O 19 20.32 16.03 -3.27
C LEU O 19 20.21 17.32 -2.45
N ARG O 20 19.06 17.98 -2.56
CA ARG O 20 18.84 19.24 -1.87
C ARG O 20 19.24 19.12 -0.40
N ILE O 21 20.10 20.03 0.04
CA ILE O 21 20.53 20.02 1.43
C ILE O 21 19.35 20.29 2.36
N GLU O 22 18.28 20.91 1.83
CA GLU O 22 17.09 21.22 2.62
C GLU O 22 16.27 20.00 2.97
N SER O 23 16.57 18.83 2.40
CA SER O 23 15.85 17.61 2.71
C SER O 23 16.27 16.97 4.02
N LEU O 24 17.29 17.50 4.69
CA LEU O 24 17.82 16.89 5.90
C LEU O 24 17.30 17.59 7.15
N ASN O 25 17.02 16.79 8.18
CA ASN O 25 16.72 17.34 9.50
C ASN O 25 18.00 17.64 10.26
N ASN O 26 17.85 18.05 11.52
CA ASN O 26 19.00 18.47 12.31
C ASN O 26 19.98 17.32 12.52
N ASN O 27 19.48 16.14 12.86
CA ASN O 27 20.36 14.98 13.02
C ASN O 27 21.14 14.72 11.75
N GLU O 28 20.42 14.61 10.63
CA GLU O 28 21.02 14.30 9.34
C GLU O 28 22.03 15.36 8.90
N LEU O 29 21.87 16.61 9.34
CA LEU O 29 22.85 17.63 8.98
C LEU O 29 24.18 17.40 9.69
N GLU O 30 24.14 17.12 11.00
CA GLU O 30 25.37 16.77 11.72
C GLU O 30 26.04 15.56 11.13
N ILE O 31 25.26 14.53 10.82
CA ILE O 31 25.82 13.32 10.25
C ILE O 31 26.53 13.64 8.94
N LEU O 32 25.93 14.51 8.12
CA LEU O 32 26.58 14.88 6.87
C LEU O 32 27.93 15.53 7.14
N ILE O 33 27.98 16.48 8.07
CA ILE O 33 29.24 17.13 8.41
C ILE O 33 30.26 16.09 8.84
N MET O 34 29.84 15.14 9.69
CA MET O 34 30.76 14.12 10.17
C MET O 34 31.27 13.25 9.04
N ILE O 35 30.35 12.80 8.18
CA ILE O 35 30.76 12.00 7.01
C ILE O 35 31.65 12.83 6.11
N ARG O 36 31.27 14.09 5.88
CA ARG O 36 32.04 14.97 5.01
C ARG O 36 33.47 15.14 5.53
N GLU O 37 33.61 15.42 6.83
CA GLU O 37 34.94 15.66 7.40
C GLU O 37 35.78 14.38 7.38
N CYS O 38 35.19 13.26 7.80
CA CYS O 38 35.94 12.01 7.87
C CYS O 38 36.40 11.58 6.49
N CYS O 39 35.53 11.69 5.48
CA CYS O 39 35.89 11.28 4.13
C CYS O 39 36.89 12.22 3.49
N GLU O 40 36.86 13.51 3.87
CA GLU O 40 37.81 14.46 3.31
C GLU O 40 39.24 14.10 3.75
N VAL O 41 39.39 13.62 4.98
CA VAL O 41 40.70 13.19 5.44
C VAL O 41 41.15 11.95 4.68
N ILE O 42 40.26 10.98 4.53
CA ILE O 42 40.59 9.76 3.79
C ILE O 42 40.97 10.12 2.35
N LYS O 43 40.24 11.06 1.74
CA LYS O 43 40.52 11.42 0.35
C LYS O 43 41.86 12.11 0.20
N LYS O 44 42.30 12.85 1.21
CA LYS O 44 43.57 13.56 1.14
C LYS O 44 44.74 12.69 1.59
N ASP O 45 44.59 12.01 2.73
CA ASP O 45 45.67 11.18 3.25
C ASP O 45 46.08 10.10 2.23
N TYR O 46 45.09 9.48 1.58
CA TYR O 46 45.34 8.39 0.63
C TYR O 46 45.01 8.81 -0.79
N LYS O 47 45.16 10.09 -1.11
CA LYS O 47 44.82 10.56 -2.46
C LYS O 47 45.61 9.80 -3.52
N THR O 48 46.89 9.56 -3.27
CA THR O 48 47.73 8.91 -4.28
C THR O 48 47.23 7.52 -4.62
N GLU O 49 46.83 6.75 -3.61
CA GLU O 49 46.39 5.38 -3.87
C GLU O 49 45.04 5.37 -4.57
N PHE O 50 44.14 6.28 -4.19
CA PHE O 50 42.86 6.39 -4.87
C PHE O 50 43.05 6.72 -6.35
N ASN O 51 43.93 7.67 -6.65
CA ASN O 51 44.17 8.03 -8.04
C ASN O 51 44.66 6.82 -8.84
N GLU O 52 45.54 6.01 -8.25
CA GLU O 52 45.99 4.79 -8.92
C GLU O 52 44.80 3.91 -9.32
N ILE O 53 43.79 3.83 -8.46
CA ILE O 53 42.57 3.11 -8.81
C ILE O 53 41.85 3.83 -9.96
N CYS O 54 41.63 5.13 -9.80
CA CYS O 54 40.92 5.90 -10.83
C CYS O 54 41.66 5.90 -12.15
N ASN O 55 42.99 6.03 -12.11
CA ASN O 55 43.75 6.03 -13.34
C ASN O 55 43.66 4.68 -14.04
N PHE O 56 43.43 3.60 -13.29
CA PHE O 56 43.30 2.30 -13.92
C PHE O 56 41.98 2.15 -14.64
N ILE O 57 40.86 2.48 -13.97
CA ILE O 57 39.56 2.24 -14.60
C ILE O 57 39.42 3.13 -15.83
N LEU O 58 39.97 4.34 -15.80
CA LEU O 58 39.94 5.20 -16.98
C LEU O 58 40.68 4.53 -18.13
N GLN O 59 41.87 3.99 -17.87
CA GLN O 59 42.65 3.36 -18.91
C GLN O 59 42.02 2.07 -19.41
N ASN O 60 41.13 1.47 -18.62
CA ASN O 60 40.40 0.27 -19.02
C ASN O 60 38.95 0.56 -19.40
N ASN O 61 38.57 1.82 -19.44
CA ASN O 61 37.23 2.21 -19.85
C ASN O 61 37.23 2.52 -21.35
N VAL O 62 36.27 1.94 -22.07
CA VAL O 62 36.29 2.00 -23.53
C VAL O 62 36.27 3.43 -24.04
N LYS O 63 35.61 4.33 -23.31
CA LYS O 63 35.48 5.72 -23.73
C LYS O 63 36.46 6.65 -23.04
N SER O 64 37.42 6.10 -22.29
CA SER O 64 38.36 6.92 -21.52
C SER O 64 37.59 7.84 -20.58
N CYS O 65 36.64 7.24 -19.86
CA CYS O 65 35.78 7.97 -18.94
C CYS O 65 35.69 7.22 -17.63
N TYR O 66 35.47 7.98 -16.56
CA TYR O 66 35.17 7.41 -15.26
C TYR O 66 33.71 7.00 -15.25
N ASP O 67 33.44 5.72 -15.00
CA ASP O 67 32.09 5.17 -15.05
C ASP O 67 31.86 4.36 -13.80
N ILE O 68 30.82 4.72 -13.04
CA ILE O 68 30.54 4.04 -11.79
C ILE O 68 30.12 2.59 -12.03
N ASN O 69 29.65 2.26 -13.24
CA ASN O 69 29.36 0.87 -13.54
C ASN O 69 30.61 0.01 -13.41
N ASP O 70 31.78 0.60 -13.73
CA ASP O 70 33.03 -0.14 -13.59
C ASP O 70 33.31 -0.49 -12.12
N VAL O 71 33.20 0.49 -11.23
CA VAL O 71 33.56 0.25 -9.84
C VAL O 71 32.45 -0.41 -9.02
N LYS O 72 31.21 -0.45 -9.53
CA LYS O 72 30.10 -0.94 -8.71
C LYS O 72 30.32 -2.38 -8.27
N ASN O 73 30.53 -3.29 -9.22
CA ASN O 73 30.64 -4.70 -8.88
C ASN O 73 31.78 -4.93 -7.90
N ILE O 74 32.83 -4.13 -7.98
CA ILE O 74 33.99 -4.31 -7.11
C ILE O 74 33.65 -3.92 -5.69
N ILE O 75 32.96 -2.79 -5.49
CA ILE O 75 32.71 -2.30 -4.14
C ILE O 75 31.84 -3.28 -3.36
N ILE O 76 30.72 -3.70 -3.94
CA ILE O 76 29.82 -4.61 -3.23
C ILE O 76 30.56 -5.88 -2.84
N GLU O 77 31.37 -6.41 -3.76
CA GLU O 77 32.17 -7.59 -3.44
C GLU O 77 33.19 -7.28 -2.35
N THR O 78 33.87 -6.13 -2.45
CA THR O 78 34.85 -5.77 -1.44
C THR O 78 34.22 -5.64 -0.06
N ILE O 79 33.04 -5.03 0.04
CA ILE O 79 32.47 -4.79 1.37
C ILE O 79 32.04 -6.11 2.00
N ASN O 80 31.35 -6.96 1.24
CA ASN O 80 30.98 -8.27 1.76
C ASN O 80 32.22 -9.09 2.06
N SER O 81 33.23 -9.03 1.18
CA SER O 81 34.47 -9.75 1.41
C SER O 81 35.17 -9.24 2.67
N ASP O 82 35.04 -7.95 2.95
CA ASP O 82 35.63 -7.34 4.13
C ASP O 82 34.73 -6.16 4.49
N PHE O 83 33.99 -6.23 5.59
CA PHE O 83 33.02 -5.16 5.89
C PHE O 83 33.45 -4.39 7.13
N ARG O 84 34.68 -3.90 7.12
CA ARG O 84 35.16 -3.07 8.21
C ARG O 84 34.59 -1.65 8.07
N PRO O 85 34.21 -1.00 9.17
CA PRO O 85 33.73 0.38 9.05
C PRO O 85 34.71 1.27 8.31
N SER O 86 36.01 0.99 8.40
CA SER O 86 37.01 1.76 7.66
C SER O 86 36.88 1.52 6.16
N VAL O 87 36.67 0.28 5.75
CA VAL O 87 36.58 -0.03 4.32
C VAL O 87 35.35 0.60 3.70
N ILE O 88 34.26 0.74 4.46
CA ILE O 88 33.07 1.40 3.94
C ILE O 88 33.36 2.86 3.66
N LEU O 89 33.98 3.55 4.62
CA LEU O 89 34.33 4.95 4.42
C LEU O 89 35.37 5.12 3.31
N ALA O 90 36.29 4.17 3.17
CA ALA O 90 37.21 4.21 2.05
C ALA O 90 36.48 4.10 0.72
N SER O 91 35.43 3.28 0.67
CA SER O 91 34.62 3.15 -0.55
C SER O 91 33.87 4.45 -0.83
N ILE O 92 33.19 5.01 0.18
CA ILE O 92 32.47 6.26 -0.02
C ILE O 92 33.42 7.33 -0.53
N SER O 93 34.63 7.39 0.03
CA SER O 93 35.59 8.41 -0.39
C SER O 93 36.02 8.18 -1.83
N LEU O 94 36.32 6.93 -2.21
CA LEU O 94 36.61 6.62 -3.59
C LEU O 94 35.46 7.07 -4.50
N LEU O 95 34.23 6.71 -4.14
CA LEU O 95 33.08 7.08 -4.96
C LEU O 95 32.95 8.60 -5.06
N SER O 96 33.15 9.30 -3.95
CA SER O 96 33.12 10.76 -3.98
C SER O 96 34.19 11.31 -4.91
N ILE O 97 35.37 10.69 -4.92
CA ILE O 97 36.43 11.13 -5.82
C ILE O 97 36.06 10.86 -7.26
N ILE O 98 35.53 9.67 -7.53
CA ILE O 98 35.11 9.33 -8.89
C ILE O 98 34.08 10.33 -9.40
N ILE O 99 33.14 10.72 -8.54
CA ILE O 99 32.07 11.61 -8.97
C ILE O 99 32.65 12.95 -9.41
N LYS O 100 33.60 13.49 -8.64
CA LYS O 100 34.22 14.76 -9.04
C LYS O 100 35.08 14.60 -10.28
N LYS O 101 35.83 13.50 -10.38
CA LYS O 101 36.62 13.26 -11.59
C LYS O 101 35.74 13.19 -12.82
N LYS O 102 34.54 12.62 -12.69
CA LYS O 102 33.62 12.59 -13.82
C LYS O 102 33.24 14.01 -14.26
N LYS O 103 32.86 14.85 -13.30
CA LYS O 103 32.31 16.16 -13.63
C LYS O 103 33.34 17.04 -14.33
N ASP O 104 34.61 16.94 -13.97
CA ASP O 104 35.62 17.84 -14.49
C ASP O 104 36.46 17.26 -15.63
N GLU O 105 36.44 15.94 -15.84
CA GLU O 105 37.36 15.32 -16.79
C GLU O 105 36.70 14.44 -17.84
N ASN O 106 35.43 14.08 -17.72
CA ASN O 106 34.80 13.22 -18.71
C ASN O 106 34.40 14.04 -19.94
N ASN O 107 34.90 13.64 -21.10
CA ASN O 107 34.50 14.26 -22.37
C ASN O 107 33.29 13.58 -22.99
N GLU O 108 32.81 12.47 -22.42
CA GLU O 108 31.62 11.80 -22.90
C GLU O 108 30.71 11.50 -21.71
N VAL O 109 29.51 11.02 -22.01
CA VAL O 109 28.48 10.86 -21.01
C VAL O 109 28.46 9.40 -20.55
N VAL O 110 27.97 9.20 -19.33
CA VAL O 110 27.88 7.89 -18.72
C VAL O 110 26.59 7.81 -17.93
N ASP O 111 25.89 6.67 -18.05
CA ASP O 111 24.63 6.43 -17.37
C ASP O 111 24.91 5.43 -16.25
N ASP O 112 24.96 5.93 -15.01
CA ASP O 112 25.21 5.09 -13.85
C ASP O 112 24.29 5.39 -12.69
N ASP O 113 23.16 6.05 -12.94
CA ASP O 113 22.19 6.28 -11.88
C ASP O 113 21.86 4.98 -11.17
N LEU O 114 21.58 3.93 -11.96
CA LEU O 114 21.23 2.64 -11.37
C LEU O 114 22.40 2.10 -10.58
N ALA O 115 23.60 2.10 -11.18
CA ALA O 115 24.78 1.61 -10.49
C ALA O 115 24.98 2.34 -9.17
N LEU O 116 25.06 3.68 -9.21
CA LEU O 116 25.34 4.44 -8.01
C LEU O 116 24.29 4.19 -6.94
N ASN O 117 23.02 4.18 -7.32
CA ASN O 117 21.96 3.97 -6.34
C ASN O 117 22.12 2.63 -5.63
N GLU O 118 22.44 1.57 -6.39
CA GLU O 118 22.64 0.26 -5.76
C GLU O 118 23.73 0.32 -4.72
N LEU O 119 24.81 1.06 -5.01
CA LEU O 119 25.90 1.18 -4.05
C LEU O 119 25.42 1.84 -2.76
N ILE O 120 24.64 2.92 -2.87
CA ILE O 120 24.17 3.61 -1.68
C ILE O 120 23.18 2.74 -0.90
N ASN O 121 22.41 1.90 -1.59
CA ASN O 121 21.58 0.93 -0.86
C ASN O 121 22.45 -0.06 -0.08
N LYS O 122 23.59 -0.44 -0.67
CA LYS O 122 24.51 -1.34 0.03
C LYS O 122 25.07 -0.67 1.26
N PHE O 123 25.40 0.62 1.17
CA PHE O 123 25.97 1.31 2.33
C PHE O 123 24.96 1.41 3.47
N SER O 124 23.67 1.41 3.16
CA SER O 124 22.68 1.57 4.22
C SER O 124 22.46 0.27 4.99
N SER O 125 22.70 -0.88 4.35
CA SER O 125 22.72 -2.13 5.10
C SER O 125 23.76 -2.09 6.20
N TYR O 126 24.95 -1.60 5.89
CA TYR O 126 26.05 -1.43 6.83
C TYR O 126 26.02 -0.07 7.52
N GLN O 127 24.88 0.63 7.50
CA GLN O 127 24.78 1.93 8.14
C GLN O 127 25.29 1.92 9.57
N LYS O 128 24.92 0.89 10.35
CA LYS O 128 25.41 0.81 11.72
C LYS O 128 26.93 0.95 11.77
N ASP O 129 27.62 0.31 10.83
CA ASP O 129 29.08 0.41 10.78
C ASP O 129 29.51 1.83 10.41
N ILE O 130 28.76 2.50 9.54
CA ILE O 130 29.15 3.84 9.13
C ILE O 130 29.14 4.77 10.33
N ILE O 131 28.02 4.82 11.05
CA ILE O 131 27.91 5.73 12.19
C ILE O 131 28.99 5.45 13.21
N SER O 132 29.33 4.17 13.41
CA SER O 132 30.33 3.83 14.41
C SER O 132 31.67 4.48 14.08
N PHE O 133 32.11 4.38 12.81
CA PHE O 133 33.41 4.93 12.45
C PHE O 133 33.42 6.45 12.56
N VAL O 134 32.43 7.10 11.96
CA VAL O 134 32.44 8.57 11.93
C VAL O 134 32.38 9.13 13.34
N GLU O 135 31.67 8.45 14.25
CA GLU O 135 31.64 8.90 15.64
C GLU O 135 33.01 8.81 16.28
N LYS O 136 33.72 7.69 16.04
CA LYS O 136 35.06 7.50 16.55
C LYS O 136 36.04 8.50 15.94
N ASN O 137 35.99 8.64 14.62
CA ASN O 137 36.84 9.52 13.79
C ASN O 137 37.92 8.66 13.12
N ASP P 4 37.22 -10.78 -14.18
CA ASP P 4 37.14 -10.95 -12.75
C ASP P 4 38.52 -10.82 -12.11
N ALA P 5 39.56 -10.94 -12.93
CA ALA P 5 40.92 -10.65 -12.48
C ALA P 5 41.03 -9.22 -11.99
N SER P 6 40.82 -8.26 -12.90
CA SER P 6 40.97 -6.84 -12.56
C SER P 6 40.11 -6.44 -11.37
N THR P 7 38.94 -7.05 -11.19
CA THR P 7 38.06 -6.63 -10.11
C THR P 7 38.73 -6.80 -8.75
N LYS P 8 39.36 -7.96 -8.52
CA LYS P 8 40.02 -8.15 -7.24
C LYS P 8 41.30 -7.32 -7.16
N LYS P 9 41.97 -7.14 -8.29
CA LYS P 9 43.16 -6.29 -8.31
C LYS P 9 42.81 -4.90 -7.81
N LEU P 10 41.62 -4.42 -8.17
CA LEU P 10 41.18 -3.10 -7.77
C LEU P 10 40.71 -3.13 -6.33
N SER P 11 40.02 -4.22 -5.97
CA SER P 11 39.66 -4.46 -4.57
C SER P 11 40.91 -4.55 -3.70
N GLU P 12 41.99 -5.12 -4.24
CA GLU P 12 43.23 -5.23 -3.47
C GLU P 12 43.69 -3.86 -2.98
N CYS P 13 43.70 -2.87 -3.87
CA CYS P 13 44.07 -1.52 -3.47
C CYS P 13 43.11 -0.97 -2.42
N LEU P 14 41.81 -1.28 -2.57
CA LEU P 14 40.79 -0.70 -1.70
C LEU P 14 40.84 -1.31 -0.30
N LYS P 15 40.93 -2.64 -0.21
CA LYS P 15 40.94 -3.29 1.09
C LYS P 15 42.09 -2.80 1.95
N ARG P 16 43.25 -2.55 1.34
CA ARG P 16 44.39 -2.07 2.11
C ARG P 16 44.14 -0.68 2.69
N ILE P 17 43.44 0.18 1.95
CA ILE P 17 43.14 1.52 2.45
C ILE P 17 42.34 1.44 3.75
N GLY P 18 41.46 0.46 3.87
CA GLY P 18 40.72 0.30 5.12
C GLY P 18 41.61 -0.17 6.25
N ASP P 19 42.50 -1.13 5.97
CA ASP P 19 43.41 -1.63 7.00
C ASP P 19 44.32 -0.52 7.51
N GLU P 20 44.89 0.27 6.59
CA GLU P 20 45.75 1.39 7.01
C GLU P 20 44.99 2.38 7.88
N LEU P 21 43.69 2.54 7.66
CA LEU P 21 42.89 3.44 8.49
C LEU P 21 42.75 2.87 9.91
N ASP P 22 42.49 1.57 10.01
CA ASP P 22 42.35 0.93 11.31
C ASP P 22 43.65 0.98 12.11
N SER P 23 44.80 0.86 11.43
CA SER P 23 46.07 0.84 12.16
C SER P 23 46.21 2.06 13.05
N ASN P 24 45.85 3.24 12.56
CA ASN P 24 45.89 4.43 13.39
C ASN P 24 44.96 4.27 14.58
#